data_6Z6V
#
_entry.id   6Z6V
#
_cell.length_a   61.816
_cell.length_b   119.744
_cell.length_c   131.772
_cell.angle_alpha   90.000
_cell.angle_beta   90.000
_cell.angle_gamma   90.000
#
_symmetry.space_group_name_H-M   'P 2 21 21'
#
loop_
_entity.id
_entity.type
_entity.pdbx_description
1 polymer 'Complement C1q subcomponent subunit A'
2 polymer 'Complement C1q subcomponent subunit B'
3 polymer 'Complement C1q subcomponent subunit C'
4 polymer 'Nanobody C1q75'
5 non-polymer 2-acetamido-2-deoxy-beta-D-glucopyranose
6 water water
#
loop_
_entity_poly.entity_id
_entity_poly.type
_entity_poly.pdbx_seq_one_letter_code
_entity_poly.pdbx_strand_id
1 'polypeptide(L)'
;KDQPRPAFSAIRRNPPMGGNVVIFDTVITNQEEPYQNHSGRFVCTVPGYYYFTFQVLSQWEICLSIVSSSRGQVRRSLGF
CDTTNKGLFQVVSGGMVLQLQQGDQVWVEKDPKKGHIYQGSEADSVFSGFLIFPSA
;
A,D
2 'polypeptide(L)'
;TQKIAFSATRTINVPLRRDQTIRFDHVITNMNNNYEPRSGKFTCKVPGLYYFTYHASSRGNLCVNLMRGRERAQKVVTFC
DYAYNTFQVTTGGMVLKLEQGENVFLQATDKNSLLGMEGANSIFSGFLLFPDMEAHHHHHH
;
B,E
3 'polypeptide(L)'
;GSGKQKFQSVFTVTRQTHQPPAPNSLIRFNAVLTNPQGDYDTSTGKFTCKVPGLYYFVYHASHTANLCVLLYRSGVKVVT
FCGHTSKTNQVNSGGVLLRLQVGEEVWLAVNDYYDMVGIQGSDSVFSGFLLFPDGSAKA
;
C,F
4 'polypeptide(L)'
;QVQLVETGGGLVQAGGSLRLSCAASGRTFNNDVMAWFRQAPGTEREFVALITAGGGTHYADSVKGRFVISRDNDKNMAYL
QMNSLKSEDTAIYYCGADENPPGWPSRWSSAYDYWGQGTQVTVSSHHHHHH
;
G,H
#
loop_
_chem_comp.id
_chem_comp.type
_chem_comp.name
_chem_comp.formula
NAG D-saccharide, beta linking 2-acetamido-2-deoxy-beta-D-glucopyranose 'C8 H15 N O6'
#
# COMPACT_ATOMS: atom_id res chain seq x y z
N PRO A 4 22.46 13.43 4.68
CA PRO A 4 22.77 14.15 3.45
C PRO A 4 21.80 13.87 2.30
N ARG A 5 21.52 14.90 1.50
CA ARG A 5 20.60 14.82 0.36
C ARG A 5 21.27 15.33 -0.91
N PRO A 6 22.29 14.62 -1.44
CA PRO A 6 23.06 15.18 -2.57
C PRO A 6 22.26 15.17 -3.86
N ALA A 7 22.10 16.36 -4.44
CA ALA A 7 21.36 16.55 -5.69
C ALA A 7 21.75 17.91 -6.28
N PHE A 8 21.88 17.96 -7.60
CA PHE A 8 22.29 19.20 -8.23
C PHE A 8 21.73 19.32 -9.65
N SER A 9 21.74 20.55 -10.13
CA SER A 9 21.46 20.89 -11.51
C SER A 9 22.25 22.14 -11.83
N ALA A 10 22.99 22.13 -12.94
CA ALA A 10 23.75 23.31 -13.33
C ALA A 10 23.60 23.56 -14.82
N ILE A 11 23.72 24.83 -15.22
CA ILE A 11 23.55 25.23 -16.60
C ILE A 11 24.75 26.06 -17.05
N ARG A 12 24.77 26.36 -18.35
CA ARG A 12 25.83 27.13 -18.98
C ARG A 12 25.33 28.52 -19.32
N ARG A 13 26.00 29.55 -18.80
CA ARG A 13 25.65 30.92 -19.15
C ARG A 13 26.92 31.71 -19.39
N ASN A 14 27.89 31.65 -18.47
CA ASN A 14 29.20 32.27 -18.67
C ASN A 14 30.32 31.30 -18.29
N PRO A 15 30.51 30.25 -19.09
CA PRO A 15 31.47 29.21 -18.70
C PRO A 15 32.88 29.60 -19.10
N PRO A 16 33.88 29.12 -18.37
CA PRO A 16 35.23 29.06 -18.93
C PRO A 16 35.22 28.17 -20.17
N MET A 17 35.59 28.74 -21.31
CA MET A 17 35.62 27.99 -22.56
C MET A 17 37.02 27.42 -22.67
N GLY A 18 37.13 26.11 -22.73
CA GLY A 18 38.42 25.50 -22.57
C GLY A 18 38.36 23.99 -22.39
N GLY A 19 39.08 23.29 -23.25
CA GLY A 19 39.33 21.89 -23.12
C GLY A 19 38.11 21.03 -23.35
N ASN A 20 38.27 19.78 -22.94
CA ASN A 20 37.25 18.79 -23.22
C ASN A 20 36.15 18.76 -22.16
N VAL A 21 36.38 19.30 -20.96
CA VAL A 21 35.39 19.16 -19.91
C VAL A 21 34.37 20.27 -20.07
N VAL A 22 33.11 19.89 -20.20
CA VAL A 22 32.02 20.82 -20.41
C VAL A 22 31.66 21.41 -19.04
N ILE A 23 32.03 22.67 -18.82
CA ILE A 23 31.82 23.30 -17.52
C ILE A 23 30.45 23.98 -17.51
N PHE A 24 29.59 23.54 -16.59
CA PHE A 24 28.28 24.17 -16.37
C PHE A 24 28.47 25.13 -15.21
N ASP A 25 28.62 26.40 -15.54
CA ASP A 25 29.10 27.40 -14.59
C ASP A 25 28.02 27.95 -13.68
N THR A 26 26.75 27.87 -14.07
CA THR A 26 25.69 28.58 -13.35
C THR A 26 24.79 27.56 -12.69
N VAL A 27 24.80 27.57 -11.37
CA VAL A 27 24.20 26.54 -10.55
C VAL A 27 22.74 26.90 -10.27
N ILE A 28 21.84 25.96 -10.54
CA ILE A 28 20.43 26.14 -10.14
C ILE A 28 20.19 25.55 -8.76
N THR A 29 20.66 24.32 -8.54
CA THR A 29 20.53 23.59 -7.28
C THR A 29 21.86 22.89 -7.01
N ASN A 30 22.27 22.84 -5.74
CA ASN A 30 23.53 22.21 -5.36
C ASN A 30 23.49 21.79 -3.90
N GLN A 31 22.54 20.91 -3.57
CA GLN A 31 22.36 20.51 -2.17
C GLN A 31 23.50 19.59 -1.76
N GLU A 32 24.12 19.91 -0.61
CA GLU A 32 25.36 19.37 -0.05
C GLU A 32 26.58 19.80 -0.85
N GLU A 33 26.44 20.81 -1.72
CA GLU A 33 27.44 21.32 -2.67
C GLU A 33 28.38 20.33 -3.36
N PRO A 34 27.92 19.18 -3.90
CA PRO A 34 28.88 18.25 -4.49
C PRO A 34 29.37 18.67 -5.88
N TYR A 35 28.67 19.56 -6.56
CA TYR A 35 29.08 19.98 -7.88
C TYR A 35 29.97 21.21 -7.77
N GLN A 36 31.07 21.22 -8.51
CA GLN A 36 32.03 22.33 -8.49
C GLN A 36 31.85 23.11 -9.79
N ASN A 37 31.36 24.35 -9.69
CA ASN A 37 31.07 25.12 -10.89
C ASN A 37 32.32 25.71 -11.54
N HIS A 38 33.45 25.64 -10.84
CA HIS A 38 34.73 26.06 -11.42
C HIS A 38 35.27 25.03 -12.38
N SER A 39 34.92 23.76 -12.17
CA SER A 39 35.54 22.67 -12.90
C SER A 39 34.57 21.82 -13.70
N GLY A 40 33.26 21.96 -13.50
CA GLY A 40 32.33 21.05 -14.14
C GLY A 40 32.26 19.66 -13.52
N ARG A 41 32.87 19.46 -12.36
CA ARG A 41 33.01 18.13 -11.78
C ARG A 41 32.10 18.00 -10.57
N PHE A 42 31.28 16.95 -10.56
CA PHE A 42 30.58 16.49 -9.37
C PHE A 42 31.57 15.70 -8.53
N VAL A 43 31.61 15.97 -7.22
CA VAL A 43 32.46 15.20 -6.33
C VAL A 43 31.57 14.45 -5.33
N CYS A 44 31.72 13.13 -5.28
CA CYS A 44 30.91 12.30 -4.38
C CYS A 44 31.42 12.37 -2.95
N THR A 45 30.52 12.67 -2.03
CA THR A 45 30.81 12.52 -0.61
C THR A 45 30.13 11.29 -0.01
N VAL A 46 28.85 11.10 -0.29
CA VAL A 46 28.08 9.97 0.22
C VAL A 46 28.16 8.84 -0.80
N PRO A 47 28.77 7.70 -0.46
CA PRO A 47 28.76 6.55 -1.37
C PRO A 47 27.35 6.01 -1.61
N GLY A 48 27.10 5.64 -2.86
CA GLY A 48 25.86 4.99 -3.22
C GLY A 48 25.65 5.08 -4.72
N TYR A 49 24.41 4.86 -5.12
CA TYR A 49 24.01 4.85 -6.51
C TYR A 49 23.42 6.21 -6.85
N TYR A 50 23.89 6.79 -7.94
CA TYR A 50 23.46 8.10 -8.36
C TYR A 50 22.95 8.01 -9.77
N TYR A 51 21.98 8.84 -10.10
CA TYR A 51 21.60 9.04 -11.49
C TYR A 51 22.20 10.36 -11.95
N PHE A 52 22.74 10.37 -13.17
CA PHE A 52 23.26 11.58 -13.79
C PHE A 52 22.62 11.68 -15.16
N THR A 53 22.35 12.92 -15.60
CA THR A 53 21.73 13.13 -16.90
C THR A 53 22.13 14.51 -17.40
N PHE A 54 22.17 14.65 -18.72
CA PHE A 54 22.48 15.94 -19.32
C PHE A 54 21.58 16.16 -20.52
N GLN A 55 21.35 17.42 -20.84
CA GLN A 55 20.63 17.85 -22.04
C GLN A 55 21.41 19.06 -22.53
N VAL A 56 22.16 18.90 -23.62
CA VAL A 56 23.07 19.92 -24.09
C VAL A 56 22.66 20.37 -25.48
N LEU A 57 22.73 21.67 -25.70
CA LEU A 57 22.26 22.30 -26.92
C LEU A 57 23.40 22.48 -27.91
N SER A 58 23.16 22.06 -29.16
CA SER A 58 24.13 22.23 -30.23
C SER A 58 23.42 22.73 -31.48
N GLN A 59 24.18 23.39 -32.34
CA GLN A 59 23.68 23.80 -33.65
C GLN A 59 24.43 23.18 -34.81
N TRP A 60 25.50 22.44 -34.57
CA TRP A 60 26.20 21.84 -35.70
C TRP A 60 26.42 20.36 -35.38
N GLU A 61 27.64 19.96 -35.09
CA GLU A 61 27.91 18.59 -34.71
C GLU A 61 28.53 18.58 -33.32
N ILE A 62 28.11 17.62 -32.50
CA ILE A 62 28.69 17.47 -31.18
C ILE A 62 28.69 15.98 -30.78
N CYS A 63 29.69 15.61 -29.99
CA CYS A 63 29.74 14.31 -29.33
C CYS A 63 30.09 14.58 -27.87
N LEU A 64 29.28 14.04 -26.97
CA LEU A 64 29.48 14.22 -25.54
C LEU A 64 29.58 12.87 -24.85
N SER A 65 30.35 12.84 -23.77
CA SER A 65 30.46 11.65 -22.94
C SER A 65 30.20 11.98 -21.48
N ILE A 66 29.61 11.02 -20.75
CA ILE A 66 29.58 11.04 -19.29
C ILE A 66 30.78 10.25 -18.84
N VAL A 67 31.64 10.89 -18.05
CA VAL A 67 32.89 10.27 -17.64
C VAL A 67 32.92 10.26 -16.12
N SER A 68 33.42 9.16 -15.56
CA SER A 68 33.64 9.04 -14.14
C SER A 68 35.10 8.74 -13.87
N SER A 69 35.64 9.27 -12.77
CA SER A 69 36.96 8.88 -12.29
C SER A 69 36.83 8.25 -10.91
N SER A 70 37.59 7.18 -10.69
CA SER A 70 37.71 6.57 -9.37
C SER A 70 39.19 6.33 -9.10
N ARG A 71 39.67 6.89 -7.98
CA ARG A 71 41.04 6.73 -7.47
C ARG A 71 42.10 7.08 -8.52
N GLY A 72 41.84 8.14 -9.25
CA GLY A 72 42.72 8.54 -10.31
C GLY A 72 42.40 7.93 -11.66
N GLN A 73 41.67 6.79 -11.70
CA GLN A 73 41.45 6.09 -12.95
C GLN A 73 40.11 6.49 -13.59
N VAL A 74 40.22 7.02 -14.80
CA VAL A 74 39.14 7.56 -15.60
C VAL A 74 38.30 6.46 -16.21
N ARG A 75 36.98 6.63 -16.25
CA ARG A 75 36.08 5.70 -16.93
C ARG A 75 35.13 6.48 -17.84
N ARG A 76 35.43 6.50 -19.15
CA ARG A 76 34.53 7.09 -20.15
C ARG A 76 33.47 6.03 -20.45
N SER A 77 32.34 6.12 -19.78
CA SER A 77 31.36 5.04 -19.88
C SER A 77 30.55 5.12 -21.17
N LEU A 78 29.77 6.19 -21.32
CA LEU A 78 28.82 6.31 -22.42
C LEU A 78 28.98 7.60 -23.20
N GLY A 79 28.81 7.51 -24.52
CA GLY A 79 28.83 8.66 -25.38
C GLY A 79 27.49 8.85 -26.07
N PHE A 80 27.17 10.11 -26.38
CA PHE A 80 25.92 10.50 -27.05
C PHE A 80 26.20 11.66 -27.99
N CYS A 81 25.78 11.54 -29.27
CA CYS A 81 26.09 12.52 -30.29
C CYS A 81 24.83 13.04 -31.00
N ASP A 82 24.93 14.27 -31.53
CA ASP A 82 23.97 14.79 -32.51
C ASP A 82 24.80 15.39 -33.63
N THR A 83 24.60 14.90 -34.86
CA THR A 83 25.34 15.40 -36.01
C THR A 83 24.45 16.05 -37.08
N THR A 84 23.34 16.68 -36.68
CA THR A 84 22.38 17.23 -37.66
C THR A 84 22.99 18.32 -38.54
N ASN A 85 23.90 19.14 -37.99
CA ASN A 85 24.78 20.04 -38.75
C ASN A 85 24.04 21.04 -39.65
N LYS A 86 23.03 21.70 -39.06
CA LYS A 86 22.08 22.51 -39.81
C LYS A 86 22.00 23.96 -39.36
N GLY A 87 22.71 24.35 -38.29
CA GLY A 87 22.56 25.65 -37.68
C GLY A 87 21.35 25.79 -36.76
N LEU A 88 20.57 24.75 -36.57
CA LEU A 88 19.35 24.85 -35.79
C LEU A 88 19.60 24.15 -34.46
N PHE A 89 18.97 24.67 -33.41
CA PHE A 89 18.96 24.05 -32.08
C PHE A 89 18.62 22.57 -32.12
N GLN A 90 19.56 21.75 -31.66
CA GLN A 90 19.36 20.32 -31.41
C GLN A 90 19.80 20.05 -29.99
N VAL A 91 19.08 19.16 -29.31
CA VAL A 91 19.44 18.75 -27.97
C VAL A 91 20.04 17.35 -28.04
N VAL A 92 21.25 17.20 -27.53
CA VAL A 92 21.79 15.89 -27.28
C VAL A 92 21.60 15.60 -25.80
N SER A 93 21.03 14.44 -25.52
CA SER A 93 20.71 14.07 -24.16
C SER A 93 21.30 12.70 -23.87
N GLY A 94 21.66 12.48 -22.61
CA GLY A 94 22.10 11.17 -22.20
C GLY A 94 22.05 11.08 -20.70
N GLY A 95 22.16 9.86 -20.19
CA GLY A 95 22.13 9.66 -18.76
C GLY A 95 22.42 8.22 -18.41
N MET A 96 22.78 8.01 -17.14
CA MET A 96 23.11 6.69 -16.63
C MET A 96 23.11 6.71 -15.11
N VAL A 97 23.00 5.50 -14.56
CA VAL A 97 23.26 5.26 -13.14
C VAL A 97 24.75 4.97 -12.99
N LEU A 98 25.37 5.58 -11.98
CA LEU A 98 26.74 5.25 -11.60
C LEU A 98 26.79 4.93 -10.11
N GLN A 99 27.53 3.88 -9.77
CA GLN A 99 27.81 3.59 -8.37
C GLN A 99 29.14 4.25 -8.00
N LEU A 100 29.10 5.11 -6.97
CA LEU A 100 30.21 5.98 -6.63
C LEU A 100 30.68 5.74 -5.20
N GLN A 101 32.01 5.73 -5.01
CA GLN A 101 32.62 5.80 -3.68
C GLN A 101 32.99 7.24 -3.39
N GLN A 102 33.26 7.51 -2.11
CA GLN A 102 33.65 8.87 -1.68
C GLN A 102 34.93 9.32 -2.38
N GLY A 103 34.91 10.53 -2.94
CA GLY A 103 36.02 11.05 -3.69
C GLY A 103 35.93 10.87 -5.19
N ASP A 104 35.03 10.01 -5.67
CA ASP A 104 34.86 9.81 -7.10
C ASP A 104 34.31 11.07 -7.76
N GLN A 105 34.72 11.29 -8.99
CA GLN A 105 34.30 12.46 -9.74
C GLN A 105 33.53 12.06 -10.98
N VAL A 106 32.53 12.87 -11.34
CA VAL A 106 31.71 12.68 -12.53
C VAL A 106 31.70 13.99 -13.30
N TRP A 107 31.78 13.93 -14.63
CA TRP A 107 31.69 15.13 -15.43
C TRP A 107 31.27 14.78 -16.85
N VAL A 108 30.99 15.82 -17.62
CA VAL A 108 30.61 15.72 -19.03
C VAL A 108 31.77 16.20 -19.88
N GLU A 109 32.19 15.38 -20.85
CA GLU A 109 33.31 15.68 -21.75
C GLU A 109 32.84 15.84 -23.18
N LYS A 110 33.54 16.66 -23.96
CA LYS A 110 33.18 16.82 -25.36
C LYS A 110 34.33 16.36 -26.23
N ASP A 111 33.98 15.72 -27.35
CA ASP A 111 34.94 15.39 -28.38
C ASP A 111 35.50 16.68 -28.98
N PRO A 112 36.82 16.92 -28.89
CA PRO A 112 37.41 18.16 -29.46
C PRO A 112 37.34 18.21 -30.97
N LYS A 113 37.39 17.04 -31.58
CA LYS A 113 37.35 16.83 -33.02
C LYS A 113 36.03 17.33 -33.58
N LYS A 114 34.94 17.04 -32.85
CA LYS A 114 33.57 17.25 -33.31
C LYS A 114 32.86 17.75 -32.05
N GLY A 115 32.65 19.07 -31.96
CA GLY A 115 31.97 19.57 -30.77
C GLY A 115 31.74 21.06 -30.72
N HIS A 116 30.47 21.45 -30.77
CA HIS A 116 30.05 22.84 -30.72
C HIS A 116 28.87 22.92 -29.77
N ILE A 117 29.01 23.64 -28.67
CA ILE A 117 27.91 23.94 -27.77
C ILE A 117 27.44 25.35 -28.05
N TYR A 118 26.12 25.53 -28.09
CA TYR A 118 25.49 26.84 -28.17
C TYR A 118 26.00 27.74 -27.04
N GLN A 119 26.35 28.99 -27.38
CA GLN A 119 27.00 29.90 -26.45
C GLN A 119 26.14 31.08 -26.04
N GLY A 120 24.88 31.11 -26.46
CA GLY A 120 23.99 32.21 -26.14
C GLY A 120 23.10 31.97 -24.94
N SER A 121 22.12 32.87 -24.82
CA SER A 121 21.22 33.00 -23.68
C SER A 121 19.81 32.49 -23.90
N GLU A 122 19.34 32.27 -25.14
CA GLU A 122 17.88 32.20 -25.26
C GLU A 122 17.36 30.82 -24.94
N ALA A 123 18.24 29.83 -24.83
CA ALA A 123 17.89 28.49 -24.41
C ALA A 123 19.09 27.88 -23.70
N ASP A 124 18.89 26.71 -23.07
CA ASP A 124 19.79 26.24 -22.03
C ASP A 124 20.28 24.82 -22.25
N SER A 125 21.49 24.56 -21.75
CA SER A 125 22.07 23.24 -21.58
C SER A 125 22.19 22.92 -20.09
N VAL A 126 21.88 21.68 -19.69
CA VAL A 126 21.73 21.31 -18.28
C VAL A 126 22.50 20.02 -17.99
N PHE A 127 23.18 19.98 -16.84
CA PHE A 127 23.75 18.78 -16.23
C PHE A 127 23.12 18.62 -14.85
N SER A 128 22.57 17.44 -14.59
CA SER A 128 21.91 17.15 -13.33
C SER A 128 22.36 15.81 -12.77
N GLY A 129 22.21 15.68 -11.47
CA GLY A 129 22.51 14.44 -10.79
C GLY A 129 21.92 14.42 -9.40
N PHE A 130 21.63 13.21 -8.91
CA PHE A 130 21.15 13.04 -7.55
C PHE A 130 21.41 11.62 -7.07
N LEU A 131 21.49 11.47 -5.74
CA LEU A 131 21.59 10.17 -5.11
C LEU A 131 20.27 9.40 -5.19
N ILE A 132 20.35 8.14 -5.64
CA ILE A 132 19.21 7.22 -5.73
C ILE A 132 19.06 6.47 -4.40
N PHE A 133 20.08 5.67 -4.02
CA PHE A 133 20.16 4.95 -2.72
C PHE A 133 21.57 5.11 -2.19
N PRO A 134 21.74 5.43 -0.91
CA PRO A 134 23.06 5.29 -0.28
C PRO A 134 23.45 3.83 -0.17
N SER A 135 24.75 3.60 -0.04
CA SER A 135 25.33 2.27 -0.08
C SER A 135 25.00 1.45 1.17
N ALA A 136 24.63 0.18 0.95
CA ALA A 136 24.36 -0.79 2.02
C ALA A 136 24.58 -2.22 1.53
N THR B 1 7.93 7.74 5.07
CA THR B 1 8.14 8.03 3.64
C THR B 1 6.98 8.87 3.07
N GLN B 2 7.32 9.87 2.26
CA GLN B 2 6.35 10.62 1.47
C GLN B 2 6.57 10.18 0.03
N LYS B 3 5.55 9.60 -0.59
CA LYS B 3 5.64 9.20 -1.99
C LYS B 3 4.92 10.24 -2.85
N ILE B 4 5.70 11.09 -3.51
CA ILE B 4 5.17 12.15 -4.37
C ILE B 4 5.80 11.98 -5.74
N ALA B 5 4.97 11.71 -6.73
CA ALA B 5 5.45 11.45 -8.08
C ALA B 5 4.29 11.54 -9.07
N PHE B 6 4.58 12.06 -10.26
CA PHE B 6 3.55 12.13 -11.28
C PHE B 6 4.15 11.86 -12.65
N SER B 7 3.37 11.25 -13.53
CA SER B 7 3.65 11.22 -14.96
C SER B 7 2.35 11.51 -15.68
N ALA B 8 2.39 12.46 -16.63
CA ALA B 8 1.16 12.84 -17.31
C ALA B 8 1.44 13.16 -18.77
N THR B 9 0.54 12.72 -19.62
CA THR B 9 0.69 12.97 -21.04
C THR B 9 -0.38 13.92 -21.53
N ARG B 10 -0.12 14.46 -22.72
CA ARG B 10 -1.01 15.40 -23.36
C ARG B 10 -1.77 14.68 -24.46
N THR B 11 -3.10 14.70 -24.40
CA THR B 11 -3.90 14.07 -25.44
C THR B 11 -4.77 15.04 -26.22
N ILE B 12 -4.86 16.32 -25.82
CA ILE B 12 -5.54 17.35 -26.61
C ILE B 12 -4.54 18.07 -27.50
N ASN B 13 -4.98 18.49 -28.68
CA ASN B 13 -4.08 19.10 -29.65
C ASN B 13 -4.54 20.51 -30.05
N VAL B 14 -4.96 21.31 -29.09
CA VAL B 14 -5.36 22.70 -29.33
C VAL B 14 -4.07 23.48 -29.43
N PRO B 15 -3.93 24.44 -30.36
CA PRO B 15 -2.67 25.19 -30.48
C PRO B 15 -2.38 26.05 -29.26
N LEU B 16 -1.14 25.98 -28.82
CA LEU B 16 -0.66 26.76 -27.70
C LEU B 16 -0.27 28.16 -28.19
N ARG B 17 -0.64 29.17 -27.41
CA ARG B 17 -0.11 30.51 -27.62
C ARG B 17 0.91 30.84 -26.56
N ARG B 18 1.61 31.95 -26.80
CA ARG B 18 2.69 32.42 -25.95
C ARG B 18 2.22 32.66 -24.52
N ASP B 19 3.02 32.18 -23.57
CA ASP B 19 2.88 32.26 -22.12
C ASP B 19 1.71 31.43 -21.57
N GLN B 20 1.10 30.58 -22.40
CA GLN B 20 0.11 29.65 -21.89
C GLN B 20 0.79 28.48 -21.18
N THR B 21 0.22 28.07 -20.07
CA THR B 21 0.65 26.86 -19.39
C THR B 21 0.32 25.65 -20.26
N ILE B 22 1.30 24.74 -20.40
CA ILE B 22 1.10 23.55 -21.20
C ILE B 22 0.46 22.47 -20.34
N ARG B 23 -0.77 22.10 -20.67
CA ARG B 23 -1.52 21.12 -19.92
C ARG B 23 -1.21 19.70 -20.40
N PHE B 24 -0.92 18.83 -19.45
CA PHE B 24 -0.80 17.39 -19.70
C PHE B 24 -2.00 16.75 -19.00
N ASP B 25 -3.05 16.48 -19.78
CA ASP B 25 -4.37 16.18 -19.22
C ASP B 25 -4.50 14.74 -18.71
N HIS B 26 -3.72 13.80 -19.23
CA HIS B 26 -3.95 12.39 -18.99
C HIS B 26 -2.96 11.85 -17.97
N VAL B 27 -3.47 11.36 -16.84
CA VAL B 27 -2.64 10.95 -15.71
C VAL B 27 -2.27 9.47 -15.87
N ILE B 28 -0.96 9.20 -15.97
CA ILE B 28 -0.45 7.83 -15.84
C ILE B 28 -0.22 7.49 -14.38
N THR B 29 0.40 8.42 -13.65
CA THR B 29 0.78 8.31 -12.26
C THR B 29 0.60 9.70 -11.64
N ASN B 30 0.06 9.77 -10.43
CA ASN B 30 -0.08 11.01 -9.68
C ASN B 30 -0.14 10.72 -8.19
N MET B 31 0.93 10.17 -7.61
CA MET B 31 0.91 9.77 -6.23
C MET B 31 1.05 11.00 -5.36
N ASN B 32 0.21 11.07 -4.32
CA ASN B 32 -0.11 12.20 -3.43
C ASN B 32 -0.85 13.36 -4.09
N ASN B 33 -1.26 13.24 -5.37
CA ASN B 33 -2.15 14.21 -6.06
C ASN B 33 -1.65 15.66 -5.97
N ASN B 34 -0.34 15.84 -6.18
CA ASN B 34 0.24 17.17 -6.19
C ASN B 34 0.38 17.73 -7.59
N TYR B 35 0.15 16.90 -8.61
CA TYR B 35 0.01 17.37 -9.97
C TYR B 35 -1.46 17.64 -10.26
N GLU B 36 -1.74 18.75 -10.95
CA GLU B 36 -3.13 19.13 -11.27
C GLU B 36 -3.35 19.02 -12.77
N PRO B 37 -3.99 17.95 -13.26
CA PRO B 37 -4.14 17.76 -14.71
C PRO B 37 -5.10 18.73 -15.37
N ARG B 38 -5.96 19.42 -14.63
CA ARG B 38 -6.78 20.43 -15.27
C ARG B 38 -5.95 21.66 -15.67
N SER B 39 -4.77 21.85 -15.09
CA SER B 39 -3.94 23.00 -15.38
C SER B 39 -2.61 22.66 -16.00
N GLY B 40 -2.01 21.53 -15.65
CA GLY B 40 -0.64 21.26 -15.99
C GLY B 40 0.37 21.69 -14.94
N LYS B 41 -0.09 22.17 -13.78
CA LYS B 41 0.80 22.67 -12.73
C LYS B 41 0.97 21.61 -11.64
N PHE B 42 2.22 21.36 -11.28
CA PHE B 42 2.55 20.71 -10.03
C PHE B 42 2.57 21.76 -8.93
N THR B 43 2.01 21.43 -7.77
CA THR B 43 2.09 22.34 -6.63
C THR B 43 2.69 21.62 -5.44
N CYS B 44 3.75 22.18 -4.89
CA CYS B 44 4.50 21.54 -3.83
C CYS B 44 3.75 21.68 -2.50
N LYS B 45 3.37 20.56 -1.91
CA LYS B 45 2.89 20.56 -0.54
C LYS B 45 3.94 20.08 0.45
N VAL B 46 4.86 19.22 0.04
CA VAL B 46 5.95 18.73 0.88
C VAL B 46 7.24 19.37 0.38
N PRO B 47 7.81 20.35 1.09
CA PRO B 47 9.05 20.99 0.61
C PRO B 47 10.25 20.03 0.60
N GLY B 48 11.12 20.23 -0.37
CA GLY B 48 12.26 19.34 -0.50
C GLY B 48 12.80 19.39 -1.91
N LEU B 49 13.64 18.40 -2.20
CA LEU B 49 14.32 18.30 -3.49
C LEU B 49 13.51 17.42 -4.46
N TYR B 50 13.27 17.95 -5.66
CA TYR B 50 12.47 17.26 -6.67
C TYR B 50 13.22 17.24 -8.00
N TYR B 51 12.96 16.20 -8.79
CA TYR B 51 13.44 16.16 -10.17
C TYR B 51 12.24 16.23 -11.10
N PHE B 52 12.31 17.14 -12.07
CA PHE B 52 11.28 17.31 -13.08
C PHE B 52 11.85 17.01 -14.45
N THR B 53 11.04 16.38 -15.30
CA THR B 53 11.53 16.00 -16.61
C THR B 53 10.36 15.93 -17.60
N TYR B 54 10.66 16.15 -18.87
CA TYR B 54 9.63 16.00 -19.88
C TYR B 54 10.22 15.46 -21.17
N HIS B 55 9.34 14.90 -21.99
CA HIS B 55 9.69 14.51 -23.35
C HIS B 55 8.55 14.98 -24.23
N ALA B 56 8.85 15.84 -25.20
CA ALA B 56 7.80 16.47 -25.98
C ALA B 56 7.95 16.06 -27.44
N SER B 57 6.90 15.50 -28.01
CA SER B 57 6.92 15.25 -29.44
C SER B 57 6.62 16.55 -30.17
N SER B 58 7.18 16.67 -31.38
CA SER B 58 7.19 17.94 -32.05
C SER B 58 7.31 17.72 -33.56
N ARG B 59 6.83 18.72 -34.33
CA ARG B 59 7.00 18.75 -35.78
C ARG B 59 7.53 20.08 -36.28
N GLY B 60 8.12 20.88 -35.43
CA GLY B 60 8.63 22.14 -35.90
C GLY B 60 9.37 22.75 -34.73
N ASN B 61 9.40 24.06 -34.69
CA ASN B 61 10.19 24.72 -33.67
C ASN B 61 9.42 24.67 -32.36
N LEU B 62 10.09 24.15 -31.33
CA LEU B 62 9.49 24.12 -30.01
C LEU B 62 10.47 24.76 -29.03
N CYS B 63 9.99 25.79 -28.31
CA CYS B 63 10.66 26.29 -27.13
C CYS B 63 9.66 26.31 -25.98
N VAL B 64 10.06 25.77 -24.83
CA VAL B 64 9.22 25.78 -23.64
C VAL B 64 10.02 26.34 -22.46
N ASN B 65 9.35 27.14 -21.64
CA ASN B 65 9.93 27.62 -20.41
C ASN B 65 9.55 26.68 -19.27
N LEU B 66 10.54 26.33 -18.44
CA LEU B 66 10.27 25.67 -17.17
C LEU B 66 10.08 26.75 -16.12
N MET B 67 8.89 26.80 -15.49
CA MET B 67 8.51 27.87 -14.58
C MET B 67 8.43 27.39 -13.15
N ARG B 68 8.71 28.32 -12.23
CA ARG B 68 8.75 28.01 -10.83
C ARG B 68 8.32 29.24 -10.04
N GLY B 69 7.66 29.01 -8.93
CA GLY B 69 7.43 30.07 -7.97
C GLY B 69 6.18 29.84 -7.15
N ARG B 70 6.06 30.68 -6.14
CA ARG B 70 5.01 30.68 -5.14
C ARG B 70 3.90 31.59 -5.65
N GLU B 71 4.19 32.90 -5.69
CA GLU B 71 3.32 33.97 -6.18
C GLU B 71 3.41 34.14 -7.69
N ARG B 72 4.30 35.01 -8.18
CA ARG B 72 4.45 35.18 -9.61
C ARG B 72 5.44 34.13 -10.06
N ALA B 73 5.06 33.37 -11.09
CA ALA B 73 5.95 32.36 -11.62
C ALA B 73 7.18 32.99 -12.27
N GLN B 74 8.32 32.33 -12.13
CA GLN B 74 9.54 32.75 -12.81
C GLN B 74 10.18 31.63 -13.60
N LYS B 75 10.80 32.05 -14.70
CA LYS B 75 11.50 31.14 -15.60
C LYS B 75 12.77 30.59 -14.94
N VAL B 76 12.91 29.27 -14.93
CA VAL B 76 14.19 28.68 -14.54
C VAL B 76 15.09 28.59 -15.76
N VAL B 77 14.63 27.85 -16.78
CA VAL B 77 15.35 27.65 -18.03
C VAL B 77 14.35 27.65 -19.18
N THR B 78 14.88 27.84 -20.38
CA THR B 78 14.16 27.64 -21.62
C THR B 78 14.85 26.50 -22.33
N PHE B 79 14.07 25.54 -22.83
CA PHE B 79 14.58 24.47 -23.66
C PHE B 79 14.07 24.67 -25.09
N CYS B 80 14.98 24.66 -26.07
CA CYS B 80 14.59 24.80 -27.47
C CYS B 80 15.08 23.63 -28.31
N ASP B 81 14.27 23.24 -29.27
CA ASP B 81 14.65 22.22 -30.24
C ASP B 81 13.95 22.55 -31.55
N TYR B 82 14.72 22.64 -32.63
CA TYR B 82 14.18 23.10 -33.90
C TYR B 82 14.17 21.92 -34.86
N ALA B 83 13.01 21.28 -34.97
CA ALA B 83 12.73 20.37 -36.06
C ALA B 83 12.35 21.16 -37.29
N TYR B 84 12.86 20.77 -38.45
CA TYR B 84 12.32 21.32 -39.68
C TYR B 84 11.32 20.31 -40.24
N ASN B 85 10.03 20.65 -40.11
CA ASN B 85 8.88 19.90 -40.68
C ASN B 85 8.64 18.49 -40.11
N THR B 86 9.58 17.85 -39.42
CA THR B 86 9.51 16.41 -39.29
C THR B 86 9.30 15.99 -37.83
N PHE B 87 8.84 14.75 -37.64
CA PHE B 87 8.55 14.22 -36.31
C PHE B 87 9.79 14.06 -35.45
N GLN B 88 9.80 14.67 -34.26
CA GLN B 88 10.92 14.60 -33.35
C GLN B 88 10.44 14.46 -31.91
N VAL B 89 11.37 14.12 -31.02
CA VAL B 89 11.14 14.09 -29.58
C VAL B 89 12.26 14.88 -28.92
N THR B 90 11.91 15.77 -28.02
CA THR B 90 12.93 16.54 -27.33
C THR B 90 12.69 16.47 -25.83
N THR B 91 13.73 16.77 -25.05
CA THR B 91 13.70 16.49 -23.62
C THR B 91 14.35 17.63 -22.85
N GLY B 92 13.84 17.84 -21.63
CA GLY B 92 14.51 18.70 -20.67
C GLY B 92 14.30 18.19 -19.26
N GLY B 93 15.23 18.56 -18.38
CA GLY B 93 15.22 18.06 -17.02
C GLY B 93 15.85 19.06 -16.10
N MET B 94 15.49 18.97 -14.81
CA MET B 94 15.95 19.90 -13.79
C MET B 94 15.66 19.37 -12.38
N VAL B 95 16.64 19.53 -11.48
CA VAL B 95 16.48 19.28 -10.05
C VAL B 95 16.17 20.61 -9.41
N LEU B 96 15.08 20.70 -8.65
CA LEU B 96 14.71 21.95 -8.00
C LEU B 96 14.50 21.72 -6.51
N LYS B 97 14.98 22.65 -5.70
CA LYS B 97 14.62 22.71 -4.30
C LYS B 97 13.34 23.55 -4.20
N LEU B 98 12.26 22.95 -3.71
CA LEU B 98 10.97 23.64 -3.67
C LEU B 98 10.51 23.89 -2.24
N GLU B 99 9.88 25.04 -2.06
CA GLU B 99 9.18 25.38 -0.83
C GLU B 99 7.69 25.09 -1.01
N GLN B 100 6.96 25.13 0.11
CA GLN B 100 5.55 24.77 0.13
C GLN B 100 4.73 25.75 -0.68
N GLY B 101 3.90 25.24 -1.58
CA GLY B 101 3.09 26.12 -2.40
C GLY B 101 3.78 26.59 -3.66
N GLU B 102 5.02 26.16 -3.92
CA GLU B 102 5.66 26.54 -5.17
C GLU B 102 5.00 25.78 -6.31
N ASN B 103 4.67 26.50 -7.36
CA ASN B 103 4.16 25.87 -8.57
C ASN B 103 5.34 25.55 -9.50
N VAL B 104 5.27 24.40 -10.18
CA VAL B 104 6.22 24.07 -11.25
C VAL B 104 5.41 23.63 -12.46
N PHE B 105 5.73 24.19 -13.63
CA PHE B 105 4.99 23.88 -14.85
C PHE B 105 5.80 24.30 -16.06
N LEU B 106 5.39 23.78 -17.22
CA LEU B 106 5.94 24.15 -18.51
C LEU B 106 5.03 25.19 -19.15
N GLN B 107 5.66 26.18 -19.76
CA GLN B 107 4.99 27.31 -20.36
C GLN B 107 5.36 27.43 -21.84
N ALA B 108 4.35 27.74 -22.66
CA ALA B 108 4.53 27.84 -24.10
C ALA B 108 5.13 29.18 -24.50
N THR B 109 5.85 29.16 -25.62
CA THR B 109 6.38 30.36 -26.29
C THR B 109 5.75 30.47 -27.69
N ASP B 110 6.30 31.38 -28.51
CA ASP B 110 5.90 31.50 -29.91
C ASP B 110 6.26 30.26 -30.73
N LYS B 111 7.28 29.52 -30.32
CA LYS B 111 7.65 28.28 -31.03
C LYS B 111 6.88 27.15 -30.36
N ASN B 112 5.73 26.83 -30.94
CA ASN B 112 4.71 26.09 -30.20
C ASN B 112 4.40 24.73 -30.82
N SER B 113 5.31 24.16 -31.60
CA SER B 113 5.05 22.85 -32.16
C SER B 113 5.25 21.78 -31.07
N LEU B 114 4.19 21.50 -30.32
CA LEU B 114 4.16 20.40 -29.36
C LEU B 114 2.89 19.61 -29.64
N LEU B 115 3.02 18.30 -29.83
CA LEU B 115 1.86 17.50 -30.12
C LEU B 115 1.66 16.40 -29.08
N GLY B 116 0.41 16.00 -28.95
CA GLY B 116 0.07 14.88 -28.11
C GLY B 116 -0.78 13.91 -28.89
N MET B 117 -0.12 12.88 -29.47
CA MET B 117 -0.77 11.88 -30.28
C MET B 117 -0.37 10.51 -29.75
N GLU B 118 -1.18 9.50 -30.09
CA GLU B 118 -0.94 8.16 -29.60
C GLU B 118 0.37 7.61 -30.16
N GLY B 119 0.71 7.94 -31.40
CA GLY B 119 1.97 7.50 -31.93
C GLY B 119 3.15 8.44 -31.74
N ALA B 120 2.97 9.54 -31.02
CA ALA B 120 4.06 10.50 -30.78
C ALA B 120 3.71 11.23 -29.49
N ASN B 121 4.16 10.69 -28.36
CA ASN B 121 3.66 11.17 -27.07
C ASN B 121 4.40 12.43 -26.62
N SER B 122 3.72 13.19 -25.76
CA SER B 122 4.37 14.25 -24.98
C SER B 122 4.03 14.04 -23.51
N ILE B 123 5.05 14.00 -22.66
CA ILE B 123 4.88 13.58 -21.27
C ILE B 123 5.64 14.55 -20.37
N PHE B 124 5.11 14.79 -19.18
CA PHE B 124 5.71 15.65 -18.16
C PHE B 124 5.73 14.83 -16.89
N SER B 125 6.88 14.75 -16.23
CA SER B 125 7.01 13.90 -15.06
C SER B 125 7.78 14.60 -13.95
N GLY B 126 7.52 14.19 -12.72
CA GLY B 126 8.28 14.72 -11.60
C GLY B 126 8.19 13.80 -10.41
N PHE B 127 9.21 13.84 -9.55
CA PHE B 127 9.15 13.05 -8.33
C PHE B 127 10.01 13.68 -7.25
N LEU B 128 9.61 13.43 -6.00
CA LEU B 128 10.38 13.83 -4.83
C LEU B 128 11.62 12.96 -4.69
N LEU B 129 12.79 13.61 -4.49
CA LEU B 129 14.07 12.97 -4.22
C LEU B 129 14.33 12.80 -2.71
N PHE B 130 14.20 13.89 -1.95
CA PHE B 130 14.47 13.94 -0.51
C PHE B 130 13.59 15.04 0.09
N PRO B 131 12.75 14.71 1.07
CA PRO B 131 11.96 15.74 1.77
C PRO B 131 12.83 16.54 2.75
N ASP B 132 12.23 17.62 3.24
CA ASP B 132 12.79 18.40 4.34
C ASP B 132 12.29 17.84 5.69
N MET B 133 12.70 18.52 6.77
CA MET B 133 12.21 18.41 8.17
C MET B 133 10.84 17.75 8.44
N GLN C 5 21.84 -4.40 -2.15
CA GLN C 5 20.67 -4.42 -1.27
C GLN C 5 19.44 -4.93 -2.02
N LYS C 6 18.88 -6.03 -1.50
CA LYS C 6 17.75 -6.73 -2.08
C LYS C 6 16.42 -5.98 -2.04
N PHE C 7 16.27 -4.94 -1.23
CA PHE C 7 14.99 -4.23 -1.19
C PHE C 7 15.03 -2.94 -2.01
N GLN C 8 16.05 -2.79 -2.85
CA GLN C 8 16.11 -1.72 -3.83
C GLN C 8 16.17 -2.34 -5.22
N SER C 9 16.24 -1.48 -6.24
CA SER C 9 16.20 -1.93 -7.63
C SER C 9 16.76 -0.83 -8.48
N VAL C 10 17.81 -1.12 -9.25
CA VAL C 10 18.39 -0.13 -10.15
C VAL C 10 19.12 -0.86 -11.26
N PHE C 11 19.06 -0.31 -12.46
CA PHE C 11 19.82 -0.87 -13.56
C PHE C 11 20.17 0.23 -14.55
N THR C 12 21.30 0.04 -15.23
CA THR C 12 21.59 0.72 -16.47
C THR C 12 22.22 -0.30 -17.41
N VAL C 13 21.64 -0.43 -18.61
CA VAL C 13 22.06 -1.42 -19.62
C VAL C 13 22.27 -0.73 -20.97
N THR C 14 23.16 -1.29 -21.79
CA THR C 14 23.40 -0.76 -23.13
C THR C 14 23.27 -1.86 -24.16
N ARG C 15 23.27 -1.42 -25.42
CA ARG C 15 23.11 -2.30 -26.57
C ARG C 15 24.38 -2.23 -27.43
N GLN C 16 25.03 -3.38 -27.61
CA GLN C 16 26.21 -3.50 -28.45
C GLN C 16 26.02 -4.65 -29.43
N THR C 17 25.58 -4.33 -30.65
CA THR C 17 25.42 -5.31 -31.73
C THR C 17 25.27 -4.58 -33.04
N HIS C 18 25.77 -5.20 -34.11
CA HIS C 18 25.57 -4.65 -35.44
C HIS C 18 24.21 -5.07 -36.02
N GLN C 19 23.55 -6.06 -35.42
CA GLN C 19 22.22 -6.47 -35.84
C GLN C 19 21.21 -5.40 -35.46
N PRO C 20 20.47 -4.83 -36.42
CA PRO C 20 19.40 -3.93 -36.06
C PRO C 20 18.19 -4.75 -35.49
N PRO C 21 17.41 -4.13 -34.61
CA PRO C 21 16.19 -4.86 -34.16
C PRO C 21 15.23 -4.97 -35.32
N ALA C 22 14.50 -6.09 -35.37
CA ALA C 22 13.41 -6.24 -36.32
C ALA C 22 12.31 -5.21 -36.04
N PRO C 23 11.61 -4.74 -37.09
CA PRO C 23 10.40 -3.91 -36.87
C PRO C 23 9.43 -4.60 -35.94
N ASN C 24 8.87 -3.82 -35.02
CA ASN C 24 7.91 -4.18 -33.95
C ASN C 24 8.50 -5.04 -32.84
N SER C 25 9.79 -5.36 -32.84
CA SER C 25 10.37 -6.29 -31.89
C SER C 25 10.86 -5.60 -30.61
N LEU C 26 10.99 -6.40 -29.55
CA LEU C 26 11.60 -5.92 -28.31
C LEU C 26 13.06 -5.57 -28.54
N ILE C 27 13.51 -4.47 -27.96
CA ILE C 27 14.93 -4.08 -28.04
C ILE C 27 15.69 -4.74 -26.90
N ARG C 28 16.65 -5.59 -27.24
CA ARG C 28 17.49 -6.26 -26.25
C ARG C 28 18.74 -5.44 -25.97
N PHE C 29 18.88 -5.00 -24.73
CA PHE C 29 20.12 -4.36 -24.28
C PHE C 29 21.00 -5.45 -23.68
N ASN C 30 22.01 -5.85 -24.43
CA ASN C 30 22.79 -7.05 -24.15
C ASN C 30 24.00 -6.82 -23.24
N ALA C 31 24.29 -5.59 -22.84
CA ALA C 31 25.50 -5.23 -22.09
C ALA C 31 25.14 -4.49 -20.81
N VAL C 32 25.64 -4.95 -19.66
CA VAL C 32 25.35 -4.34 -18.36
C VAL C 32 26.35 -3.24 -18.01
N LEU C 33 25.85 -2.08 -17.54
CA LEU C 33 26.68 -1.13 -16.78
C LEU C 33 26.46 -1.23 -15.26
N THR C 34 25.20 -1.23 -14.80
CA THR C 34 24.88 -1.57 -13.42
C THR C 34 23.61 -2.40 -13.45
N ASN C 35 23.55 -3.44 -12.65
CA ASN C 35 22.41 -4.32 -12.50
C ASN C 35 22.53 -5.16 -11.22
N PRO C 36 22.75 -4.59 -10.03
CA PRO C 36 23.12 -5.45 -8.87
C PRO C 36 22.00 -6.37 -8.38
N GLN C 37 20.74 -6.13 -8.74
CA GLN C 37 19.71 -7.09 -8.33
C GLN C 37 19.37 -8.08 -9.44
N GLY C 38 20.01 -8.00 -10.60
CA GLY C 38 19.62 -8.81 -11.74
C GLY C 38 18.23 -8.52 -12.26
N ASP C 39 17.71 -7.31 -12.04
CA ASP C 39 16.31 -7.04 -12.35
C ASP C 39 16.06 -6.91 -13.83
N TYR C 40 17.02 -6.34 -14.58
CA TYR C 40 17.02 -6.46 -16.03
C TYR C 40 17.77 -7.71 -16.45
N ASP C 41 17.17 -8.50 -17.33
CA ASP C 41 17.80 -9.72 -17.84
C ASP C 41 18.31 -9.37 -19.24
N THR C 42 19.63 -9.34 -19.40
CA THR C 42 20.26 -8.95 -20.65
C THR C 42 20.17 -10.02 -21.74
N SER C 43 19.76 -11.25 -21.40
CA SER C 43 19.51 -12.25 -22.42
C SER C 43 18.06 -12.24 -22.93
N THR C 44 17.07 -11.83 -22.12
CA THR C 44 15.70 -11.70 -22.62
C THR C 44 15.34 -10.28 -23.00
N GLY C 45 16.12 -9.29 -22.54
CA GLY C 45 15.74 -7.93 -22.80
C GLY C 45 14.61 -7.37 -21.95
N LYS C 46 14.31 -8.00 -20.81
CA LYS C 46 13.16 -7.60 -20.01
C LYS C 46 13.58 -7.26 -18.59
N PHE C 47 12.96 -6.22 -18.07
CA PHE C 47 12.92 -5.97 -16.64
C PHE C 47 11.80 -6.81 -16.04
N THR C 48 12.04 -7.42 -14.88
CA THR C 48 10.96 -8.06 -14.13
C THR C 48 10.98 -7.54 -12.71
N CYS C 49 9.82 -7.10 -12.21
CA CYS C 49 9.73 -6.46 -10.90
C CYS C 49 9.91 -7.49 -9.80
N LYS C 50 10.90 -7.26 -8.94
CA LYS C 50 11.06 -8.02 -7.70
C LYS C 50 10.48 -7.29 -6.50
N VAL C 51 10.74 -5.99 -6.39
CA VAL C 51 10.33 -5.14 -5.27
C VAL C 51 9.24 -4.20 -5.75
N PRO C 52 8.03 -4.26 -5.19
CA PRO C 52 6.94 -3.46 -5.74
C PRO C 52 7.05 -2.00 -5.34
N GLY C 53 6.59 -1.15 -6.24
CA GLY C 53 6.56 0.25 -5.93
C GLY C 53 6.67 1.07 -7.20
N LEU C 54 7.03 2.31 -7.02
CA LEU C 54 7.04 3.27 -8.11
C LEU C 54 8.41 3.32 -8.75
N TYR C 55 8.47 3.13 -10.07
CA TYR C 55 9.73 3.11 -10.78
C TYR C 55 9.77 4.24 -11.76
N TYR C 56 10.98 4.76 -11.99
CA TYR C 56 11.30 5.66 -13.08
C TYR C 56 12.06 4.88 -14.15
N PHE C 57 11.58 4.93 -15.39
CA PHE C 57 12.25 4.30 -16.52
C PHE C 57 12.62 5.39 -17.49
N VAL C 58 13.82 5.32 -18.07
CA VAL C 58 14.29 6.34 -19.00
C VAL C 58 15.27 5.69 -19.97
N TYR C 59 15.26 6.17 -21.21
CA TYR C 59 16.22 5.66 -22.18
C TYR C 59 16.78 6.81 -23.01
N HIS C 60 17.89 6.53 -23.68
CA HIS C 60 18.47 7.41 -24.70
C HIS C 60 19.00 6.49 -25.80
N ALA C 61 18.44 6.56 -27.00
CA ALA C 61 18.77 5.63 -28.08
C ALA C 61 19.33 6.40 -29.28
N SER C 62 20.56 6.05 -29.70
CA SER C 62 21.19 6.69 -30.86
C SER C 62 20.72 6.06 -32.15
N HIS C 63 20.51 6.88 -33.19
CA HIS C 63 20.05 6.35 -34.46
C HIS C 63 20.39 7.32 -35.58
N THR C 64 20.54 6.76 -36.79
CA THR C 64 20.84 7.51 -37.99
C THR C 64 19.77 7.33 -39.06
N ALA C 65 18.70 6.59 -38.77
CA ALA C 65 17.48 6.64 -39.57
C ALA C 65 16.32 6.73 -38.60
N ASN C 66 15.08 6.65 -39.12
CA ASN C 66 13.90 6.91 -38.28
C ASN C 66 13.76 5.84 -37.22
N LEU C 67 13.49 6.27 -35.98
CA LEU C 67 13.35 5.38 -34.84
C LEU C 67 12.17 5.81 -33.97
N CYS C 68 11.27 4.88 -33.69
CA CYS C 68 10.34 5.06 -32.58
C CYS C 68 10.61 4.00 -31.53
N VAL C 69 10.63 4.42 -30.27
CA VAL C 69 10.86 3.55 -29.14
C VAL C 69 9.56 3.49 -28.36
N LEU C 70 9.17 2.28 -27.99
CA LEU C 70 7.92 2.02 -27.28
C LEU C 70 8.31 1.41 -25.94
N LEU C 71 7.71 1.87 -24.85
CA LEU C 71 7.87 1.21 -23.58
C LEU C 71 6.66 0.31 -23.35
N TYR C 72 6.92 -0.96 -23.05
CA TYR C 72 5.82 -1.89 -22.81
C TYR C 72 5.78 -2.28 -21.34
N ARG C 73 4.57 -2.56 -20.86
CA ARG C 73 4.39 -3.07 -19.51
C ARG C 73 3.47 -4.27 -19.57
N SER C 74 4.06 -5.46 -19.31
CA SER C 74 3.41 -6.77 -19.43
C SER C 74 2.54 -6.92 -20.67
N GLY C 75 3.11 -6.56 -21.81
CA GLY C 75 2.48 -6.72 -23.11
C GLY C 75 1.55 -5.60 -23.55
N VAL C 76 1.40 -4.56 -22.75
CA VAL C 76 0.59 -3.40 -23.10
C VAL C 76 1.53 -2.21 -23.34
N LYS C 77 1.37 -1.54 -24.49
CA LYS C 77 2.20 -0.40 -24.87
C LYS C 77 1.86 0.80 -24.00
N VAL C 78 2.83 1.28 -23.23
CA VAL C 78 2.62 2.40 -22.33
C VAL C 78 2.85 3.75 -23.02
N VAL C 79 4.06 4.01 -23.50
CA VAL C 79 4.38 5.27 -24.19
C VAL C 79 5.16 4.99 -25.47
N THR C 80 5.14 5.99 -26.38
CA THR C 80 5.82 5.96 -27.68
C THR C 80 6.45 7.32 -27.99
N PHE C 81 7.74 7.34 -28.37
CA PHE C 81 8.38 8.57 -28.81
C PHE C 81 9.14 8.32 -30.09
N CYS C 82 9.01 9.24 -31.07
CA CYS C 82 9.55 9.03 -32.40
C CYS C 82 10.48 10.17 -32.81
N GLY C 83 11.50 9.81 -33.59
CA GLY C 83 12.58 10.68 -34.05
C GLY C 83 12.92 10.39 -35.49
N HIS C 84 12.73 11.34 -36.39
CA HIS C 84 13.01 11.12 -37.79
C HIS C 84 14.35 11.72 -38.24
N THR C 85 15.10 10.96 -39.02
CA THR C 85 16.39 11.44 -39.52
C THR C 85 16.71 10.62 -40.75
N SER C 86 17.52 11.18 -41.63
CA SER C 86 17.83 10.44 -42.84
C SER C 86 19.26 9.94 -42.90
N LYS C 87 20.27 10.71 -42.50
CA LYS C 87 21.61 10.17 -42.41
C LYS C 87 22.32 10.52 -41.11
N THR C 88 21.91 11.62 -40.48
CA THR C 88 22.65 12.14 -39.35
C THR C 88 22.24 11.46 -38.04
N ASN C 89 23.19 11.40 -37.12
CA ASN C 89 22.97 10.84 -35.79
C ASN C 89 22.21 11.78 -34.88
N GLN C 90 21.16 11.26 -34.25
CA GLN C 90 20.50 11.94 -33.15
C GLN C 90 20.16 10.95 -32.05
N VAL C 91 19.72 11.48 -30.92
CA VAL C 91 19.35 10.68 -29.76
C VAL C 91 17.85 10.77 -29.56
N ASN C 92 17.20 9.59 -29.53
CA ASN C 92 15.79 9.49 -29.13
C ASN C 92 15.77 9.23 -27.63
N SER C 93 15.06 10.07 -26.89
CA SER C 93 14.92 9.89 -25.46
C SER C 93 13.45 9.88 -25.07
N GLY C 94 13.14 9.12 -24.02
CA GLY C 94 11.81 9.08 -23.47
C GLY C 94 11.90 8.47 -22.09
N GLY C 95 10.79 8.56 -21.37
CA GLY C 95 10.77 8.09 -20.01
C GLY C 95 9.39 8.17 -19.40
N VAL C 96 9.20 7.44 -18.27
CA VAL C 96 7.89 7.35 -17.65
C VAL C 96 8.05 6.86 -16.22
N LEU C 97 7.17 7.32 -15.33
CA LEU C 97 7.03 6.80 -13.98
C LEU C 97 5.87 5.83 -13.91
N LEU C 98 6.13 4.62 -13.44
CA LEU C 98 5.12 3.59 -13.34
C LEU C 98 5.12 2.98 -11.95
N ARG C 99 3.94 2.74 -11.41
CA ARG C 99 3.80 1.95 -10.20
C ARG C 99 3.67 0.49 -10.62
N LEU C 100 4.57 -0.36 -10.12
CA LEU C 100 4.60 -1.77 -10.51
C LEU C 100 4.37 -2.66 -9.31
N GLN C 101 3.85 -3.86 -9.60
CA GLN C 101 3.70 -4.95 -8.65
C GLN C 101 4.66 -6.06 -9.05
N VAL C 102 4.78 -7.03 -8.15
CA VAL C 102 5.75 -8.11 -8.28
C VAL C 102 5.38 -8.97 -9.47
N GLY C 103 6.37 -9.31 -10.28
CA GLY C 103 6.15 -10.11 -11.48
C GLY C 103 5.81 -9.33 -12.74
N GLU C 104 5.49 -8.04 -12.63
CA GLU C 104 5.22 -7.25 -13.82
C GLU C 104 6.49 -7.02 -14.64
N GLU C 105 6.35 -7.02 -15.95
CA GLU C 105 7.48 -6.92 -16.87
C GLU C 105 7.48 -5.60 -17.62
N VAL C 106 8.68 -5.03 -17.79
CA VAL C 106 8.87 -3.80 -18.57
C VAL C 106 9.96 -4.06 -19.59
N TRP C 107 9.72 -3.66 -20.84
CA TRP C 107 10.76 -3.64 -21.84
C TRP C 107 10.57 -2.48 -22.80
N LEU C 108 11.58 -2.25 -23.64
CA LEU C 108 11.51 -1.32 -24.75
C LEU C 108 11.37 -2.08 -26.05
N ALA C 109 10.69 -1.47 -27.01
CA ALA C 109 10.50 -2.07 -28.32
C ALA C 109 10.56 -0.98 -29.38
N VAL C 110 10.63 -1.40 -30.65
CA VAL C 110 10.49 -0.48 -31.77
C VAL C 110 9.17 -0.77 -32.45
N ASN C 111 8.73 0.14 -33.32
CA ASN C 111 7.58 -0.21 -34.15
C ASN C 111 8.05 -0.42 -35.59
N ASP C 112 7.35 0.10 -36.59
CA ASP C 112 7.88 0.00 -37.96
C ASP C 112 9.10 0.88 -38.16
N TYR C 113 9.37 1.78 -37.26
CA TYR C 113 10.63 2.50 -37.34
C TYR C 113 11.62 2.04 -36.29
N TYR C 114 12.70 1.41 -36.77
CA TYR C 114 13.46 0.46 -36.01
C TYR C 114 14.95 0.74 -35.96
N ASP C 115 15.42 1.83 -36.55
CA ASP C 115 16.86 1.98 -36.70
C ASP C 115 17.54 2.31 -35.36
N MET C 116 18.62 1.60 -35.05
CA MET C 116 19.41 1.91 -33.87
C MET C 116 20.90 1.91 -34.20
N VAL C 117 21.26 2.32 -35.40
CA VAL C 117 22.67 2.48 -35.79
C VAL C 117 23.13 3.86 -35.35
N GLY C 118 23.88 3.91 -34.25
CA GLY C 118 24.61 5.11 -33.90
C GLY C 118 25.93 5.19 -34.64
N ILE C 119 26.43 6.42 -34.82
CA ILE C 119 27.81 6.59 -35.25
C ILE C 119 28.70 6.13 -34.10
N GLN C 120 29.99 5.91 -34.37
CA GLN C 120 30.89 5.41 -33.34
C GLN C 120 31.01 6.45 -32.23
N GLY C 121 30.89 6.01 -30.99
CA GLY C 121 30.82 6.98 -29.92
C GLY C 121 29.44 7.52 -29.57
N SER C 122 28.38 7.12 -30.28
CA SER C 122 27.03 7.46 -29.85
C SER C 122 26.29 6.18 -29.49
N ASP C 123 25.93 6.04 -28.21
CA ASP C 123 25.46 4.79 -27.63
C ASP C 123 23.94 4.79 -27.42
N SER C 124 23.42 3.63 -26.98
CA SER C 124 22.01 3.49 -26.64
C SER C 124 21.91 2.88 -25.25
N VAL C 125 21.13 3.52 -24.37
CA VAL C 125 21.11 3.16 -22.96
C VAL C 125 19.66 3.14 -22.46
N PHE C 126 19.40 2.22 -21.51
CA PHE C 126 18.11 2.04 -20.84
C PHE C 126 18.39 1.92 -19.34
N SER C 127 17.67 2.70 -18.54
CA SER C 127 17.87 2.72 -17.11
C SER C 127 16.51 2.67 -16.40
N GLY C 128 16.55 2.19 -15.17
CA GLY C 128 15.36 2.14 -14.33
C GLY C 128 15.78 2.11 -12.89
N PHE C 129 14.96 2.72 -12.01
CA PHE C 129 15.25 2.56 -10.59
C PHE C 129 13.98 2.72 -9.78
N LEU C 130 13.92 2.00 -8.67
CA LEU C 130 12.82 2.12 -7.72
C LEU C 130 12.98 3.42 -6.91
N LEU C 131 11.90 4.19 -6.80
CA LEU C 131 11.99 5.47 -6.12
C LEU C 131 11.68 5.43 -4.62
N PHE C 132 10.65 4.73 -4.17
CA PHE C 132 10.33 4.89 -2.74
C PHE C 132 10.33 3.58 -1.91
N GLN D 3 20.91 -1.95 13.14
CA GLN D 3 19.47 -2.12 13.36
C GLN D 3 19.22 -2.90 14.67
N PRO D 4 19.04 -2.17 15.77
CA PRO D 4 18.72 -2.85 17.03
C PRO D 4 17.28 -3.33 16.99
N ARG D 5 17.06 -4.52 17.54
CA ARG D 5 15.73 -5.12 17.54
C ARG D 5 15.30 -5.53 18.95
N PRO D 6 15.13 -4.58 19.88
CA PRO D 6 14.90 -4.96 21.29
C PRO D 6 13.50 -5.52 21.48
N ALA D 7 13.42 -6.74 22.01
CA ALA D 7 12.19 -7.47 22.26
C ALA D 7 12.54 -8.60 23.23
N PHE D 8 11.62 -8.88 24.16
CA PHE D 8 11.91 -9.94 25.13
C PHE D 8 10.62 -10.59 25.61
N SER D 9 10.80 -11.80 26.16
CA SER D 9 9.80 -12.52 26.94
C SER D 9 10.51 -13.35 27.98
N ALA D 10 10.09 -13.23 29.23
CA ALA D 10 10.68 -14.02 30.28
C ALA D 10 9.58 -14.61 31.15
N ILE D 11 9.88 -15.75 31.78
CA ILE D 11 8.91 -16.48 32.58
C ILE D 11 9.48 -16.78 33.97
N ARG D 12 8.62 -17.30 34.83
CA ARG D 12 8.99 -17.63 36.20
C ARG D 12 9.18 -19.12 36.31
N ARG D 13 10.35 -19.54 36.80
CA ARG D 13 10.52 -20.97 36.99
C ARG D 13 11.11 -21.26 38.36
N ASN D 14 12.27 -20.69 38.69
CA ASN D 14 12.82 -20.79 40.04
C ASN D 14 13.44 -19.47 40.49
N PRO D 15 12.63 -18.45 40.72
CA PRO D 15 13.21 -17.13 40.98
C PRO D 15 13.61 -16.96 42.44
N PRO D 16 14.79 -16.35 42.70
CA PRO D 16 15.04 -15.77 44.02
C PRO D 16 14.16 -14.57 44.18
N MET D 17 13.17 -14.64 45.03
CA MET D 17 12.32 -13.48 45.18
C MET D 17 12.47 -12.59 46.39
N GLY D 18 12.51 -11.31 46.04
CA GLY D 18 12.91 -10.24 46.88
C GLY D 18 12.23 -8.94 46.51
N GLY D 19 11.59 -8.39 47.53
CA GLY D 19 11.05 -7.07 47.53
C GLY D 19 9.85 -6.95 46.65
N ASN D 20 9.66 -5.73 46.17
CA ASN D 20 8.49 -5.38 45.39
C ASN D 20 8.60 -5.86 43.95
N VAL D 21 9.78 -6.22 43.47
CA VAL D 21 9.99 -6.50 42.06
C VAL D 21 9.73 -7.97 41.76
N VAL D 22 8.89 -8.25 40.77
CA VAL D 22 8.57 -9.61 40.34
C VAL D 22 9.66 -10.08 39.36
N ILE D 23 10.49 -11.01 39.78
CA ILE D 23 11.59 -11.48 38.95
C ILE D 23 11.15 -12.67 38.10
N PHE D 24 11.24 -12.49 36.79
CA PHE D 24 11.01 -13.54 35.79
C PHE D 24 12.39 -14.05 35.41
N ASP D 25 12.79 -15.17 36.00
CA ASP D 25 14.18 -15.60 35.98
C ASP D 25 14.58 -16.33 34.70
N THR D 26 13.62 -16.87 33.96
CA THR D 26 13.90 -17.78 32.85
C THR D 26 13.49 -17.10 31.54
N VAL D 27 14.49 -16.85 30.66
CA VAL D 27 14.31 -16.06 29.45
C VAL D 27 13.85 -16.97 28.31
N ILE D 28 12.78 -16.58 27.61
CA ILE D 28 12.42 -17.22 26.36
C ILE D 28 13.06 -16.52 25.16
N THR D 29 12.97 -15.19 25.14
CA THR D 29 13.47 -14.33 24.08
C THR D 29 14.09 -13.11 24.73
N ASN D 30 15.22 -12.63 24.18
CA ASN D 30 15.91 -11.46 24.72
C ASN D 30 16.82 -10.82 23.70
N GLN D 31 16.26 -10.34 22.58
CA GLN D 31 17.11 -9.75 21.53
C GLN D 31 17.61 -8.39 21.97
N GLU D 32 18.92 -8.17 21.84
CA GLU D 32 19.75 -7.06 22.35
C GLU D 32 19.94 -7.13 23.86
N GLU D 33 19.57 -8.28 24.49
CA GLU D 33 19.52 -8.58 25.92
C GLU D 33 19.09 -7.44 26.86
N PRO D 34 18.03 -6.66 26.60
CA PRO D 34 17.72 -5.55 27.50
C PRO D 34 17.09 -5.99 28.82
N TYR D 35 16.56 -7.20 28.88
CA TYR D 35 15.92 -7.67 30.10
C TYR D 35 16.96 -8.36 30.97
N GLN D 36 16.96 -8.04 32.27
CA GLN D 36 17.88 -8.63 33.24
C GLN D 36 17.11 -9.64 34.08
N ASN D 37 17.46 -10.93 33.95
CA ASN D 37 16.76 -11.97 34.69
C ASN D 37 17.19 -12.08 36.15
N HIS D 38 18.24 -11.36 36.56
CA HIS D 38 18.59 -11.26 37.97
C HIS D 38 17.76 -10.23 38.70
N SER D 39 17.24 -9.23 37.98
CA SER D 39 16.61 -8.10 38.61
C SER D 39 15.13 -7.99 38.28
N GLY D 40 14.64 -8.74 37.31
CA GLY D 40 13.28 -8.61 36.83
C GLY D 40 13.01 -7.35 36.03
N ARG D 41 14.05 -6.61 35.65
CA ARG D 41 13.89 -5.30 35.05
C ARG D 41 14.31 -5.29 33.58
N PHE D 42 13.47 -4.65 32.76
CA PHE D 42 13.84 -4.26 31.41
C PHE D 42 14.68 -2.99 31.47
N VAL D 43 15.75 -2.92 30.70
CA VAL D 43 16.64 -1.75 30.65
C VAL D 43 16.64 -1.21 29.23
N CYS D 44 16.28 0.08 29.07
CA CYS D 44 16.20 0.69 27.74
C CYS D 44 17.57 1.19 27.26
N THR D 45 17.95 0.79 26.03
CA THR D 45 19.10 1.36 25.32
C THR D 45 18.67 2.26 24.16
N VAL D 46 17.73 1.82 23.33
CA VAL D 46 17.27 2.59 22.19
C VAL D 46 16.08 3.44 22.66
N PRO D 47 16.17 4.76 22.62
CA PRO D 47 15.01 5.61 22.95
C PRO D 47 13.85 5.39 21.99
N GLY D 48 12.64 5.35 22.57
CA GLY D 48 11.47 5.24 21.72
C GLY D 48 10.24 4.78 22.50
N TYR D 49 9.27 4.30 21.73
CA TYR D 49 8.01 3.85 22.27
C TYR D 49 8.05 2.34 22.38
N TYR D 50 7.73 1.83 23.56
CA TYR D 50 7.78 0.41 23.83
C TYR D 50 6.41 -0.07 24.28
N TYR D 51 6.05 -1.29 23.91
CA TYR D 51 4.87 -1.91 24.45
C TYR D 51 5.30 -2.96 25.47
N PHE D 52 4.62 -3.02 26.61
CA PHE D 52 4.93 -3.99 27.64
C PHE D 52 3.64 -4.70 28.00
N THR D 53 3.73 -5.97 28.35
CA THR D 53 2.53 -6.72 28.74
C THR D 53 2.96 -7.82 29.69
N PHE D 54 2.08 -8.18 30.60
CA PHE D 54 2.38 -9.30 31.48
C PHE D 54 1.14 -10.15 31.63
N GLN D 55 1.38 -11.42 31.99
CA GLN D 55 0.33 -12.35 32.38
C GLN D 55 0.86 -13.09 33.59
N VAL D 56 0.33 -12.80 34.79
CA VAL D 56 0.89 -13.39 36.00
C VAL D 56 -0.17 -14.29 36.62
N LEU D 57 0.26 -15.52 36.99
CA LEU D 57 -0.62 -16.58 37.44
C LEU D 57 -0.66 -16.65 38.96
N SER D 58 -1.86 -16.71 39.52
CA SER D 58 -2.08 -16.91 40.94
C SER D 58 -3.29 -17.81 41.15
N GLN D 59 -3.42 -18.34 42.36
CA GLN D 59 -4.64 -19.04 42.72
C GLN D 59 -5.45 -18.24 43.73
N TRP D 60 -4.93 -17.09 44.15
CA TRP D 60 -5.54 -16.21 45.14
C TRP D 60 -5.51 -14.77 44.65
N GLU D 61 -6.04 -13.87 45.47
CA GLU D 61 -6.12 -12.46 45.12
C GLU D 61 -4.73 -11.86 44.97
N ILE D 62 -4.52 -11.11 43.89
CA ILE D 62 -3.23 -10.47 43.67
C ILE D 62 -3.43 -9.18 42.87
N CYS D 63 -2.55 -8.21 43.10
CA CYS D 63 -2.47 -6.96 42.36
C CYS D 63 -1.05 -6.77 41.88
N LEU D 64 -0.89 -6.50 40.59
CA LEU D 64 0.42 -6.24 39.99
C LEU D 64 0.39 -4.88 39.31
N SER D 65 1.55 -4.23 39.24
CA SER D 65 1.70 -2.93 38.57
C SER D 65 2.81 -2.96 37.53
N ILE D 66 2.66 -2.15 36.48
CA ILE D 66 3.79 -1.84 35.59
C ILE D 66 4.37 -0.52 36.06
N VAL D 67 5.66 -0.52 36.41
CA VAL D 67 6.35 0.62 36.99
C VAL D 67 7.56 0.96 36.12
N SER D 68 7.83 2.25 35.93
CA SER D 68 9.04 2.65 35.24
C SER D 68 9.80 3.67 36.08
N SER D 69 11.10 3.78 35.79
CA SER D 69 11.90 4.87 36.33
C SER D 69 12.07 6.01 35.33
N SER D 70 11.33 5.95 34.23
CA SER D 70 11.25 7.05 33.27
C SER D 70 10.60 8.30 33.87
N ARG D 71 11.23 9.45 33.67
CA ARG D 71 10.71 10.74 34.10
C ARG D 71 9.84 11.40 33.02
N GLY D 72 8.94 12.28 33.46
CA GLY D 72 8.01 12.88 32.54
C GLY D 72 6.69 12.15 32.42
N GLN D 73 6.62 10.89 32.86
CA GLN D 73 5.45 10.04 32.69
C GLN D 73 4.29 10.59 33.52
N VAL D 74 3.09 10.52 32.94
CA VAL D 74 1.91 11.09 33.58
C VAL D 74 1.58 10.32 34.86
N ARG D 75 1.79 9.02 34.85
CA ARG D 75 1.60 8.22 36.06
C ARG D 75 2.83 7.37 36.34
N ARG D 76 3.08 7.15 37.62
CA ARG D 76 4.21 6.33 38.06
C ARG D 76 3.97 4.87 37.65
N SER D 77 2.71 4.40 37.81
CA SER D 77 2.36 3.00 37.59
C SER D 77 0.95 2.81 37.08
N LEU D 78 0.75 1.68 36.43
CA LEU D 78 -0.56 1.19 36.05
C LEU D 78 -0.72 -0.13 36.78
N GLY D 79 -1.83 -0.29 37.50
CA GLY D 79 -2.08 -1.48 38.29
C GLY D 79 -3.24 -2.29 37.76
N PHE D 80 -3.21 -3.60 38.03
CA PHE D 80 -4.19 -4.58 37.55
C PHE D 80 -4.39 -5.61 38.65
N CYS D 81 -5.64 -5.89 39.01
CA CYS D 81 -5.92 -6.80 40.11
C CYS D 81 -6.94 -7.85 39.72
N ASP D 82 -6.85 -8.98 40.43
CA ASP D 82 -7.91 -9.99 40.46
C ASP D 82 -8.09 -10.30 41.92
N THR D 83 -9.33 -10.17 42.44
CA THR D 83 -9.56 -10.46 43.85
C THR D 83 -10.35 -11.75 44.08
N THR D 84 -10.36 -12.67 43.09
CA THR D 84 -11.01 -13.97 43.28
C THR D 84 -10.25 -14.78 44.32
N ASN D 85 -10.98 -15.35 45.28
CA ASN D 85 -10.30 -16.18 46.28
C ASN D 85 -10.84 -17.59 46.29
N LYS D 86 -10.67 -18.30 45.17
CA LYS D 86 -11.27 -19.62 45.00
C LYS D 86 -10.26 -20.76 44.96
N GLY D 87 -8.96 -20.52 45.18
CA GLY D 87 -8.04 -21.65 45.07
C GLY D 87 -7.77 -22.09 43.64
N LEU D 88 -8.23 -21.32 42.65
CA LEU D 88 -8.19 -21.70 41.25
C LEU D 88 -7.24 -20.80 40.47
N PHE D 89 -6.55 -21.40 39.50
CA PHE D 89 -5.74 -20.67 38.52
C PHE D 89 -6.48 -19.50 37.90
N GLN D 90 -5.96 -18.30 38.13
CA GLN D 90 -6.42 -17.10 37.46
C GLN D 90 -5.19 -16.34 37.01
N VAL D 91 -5.28 -15.76 35.82
CA VAL D 91 -4.21 -14.99 35.21
C VAL D 91 -4.59 -13.52 35.27
N VAL D 92 -3.70 -12.69 35.83
CA VAL D 92 -3.88 -11.24 35.81
C VAL D 92 -3.05 -10.68 34.67
N SER D 93 -3.69 -9.86 33.83
CA SER D 93 -3.09 -9.32 32.63
C SER D 93 -3.07 -7.81 32.74
N GLY D 94 -2.06 -7.21 32.12
CA GLY D 94 -2.01 -5.77 32.00
C GLY D 94 -1.00 -5.44 30.93
N GLY D 95 -1.05 -4.21 30.46
CA GLY D 95 -0.15 -3.78 29.43
C GLY D 95 -0.30 -2.30 29.16
N MET D 96 0.74 -1.71 28.56
CA MET D 96 0.73 -0.30 28.16
C MET D 96 1.88 0.03 27.22
N VAL D 97 1.76 1.18 26.54
CA VAL D 97 2.89 1.81 25.87
C VAL D 97 3.62 2.70 26.87
N LEU D 98 4.95 2.65 26.84
CA LEU D 98 5.79 3.61 27.55
C LEU D 98 6.79 4.21 26.58
N GLN D 99 6.98 5.53 26.67
CA GLN D 99 8.05 6.19 25.94
C GLN D 99 9.27 6.31 26.85
N LEU D 100 10.39 5.74 26.42
CA LEU D 100 11.55 5.54 27.27
C LEU D 100 12.77 6.23 26.67
N GLN D 101 13.56 6.85 27.54
CA GLN D 101 14.91 7.26 27.21
C GLN D 101 15.89 6.19 27.65
N GLN D 102 17.11 6.30 27.11
CA GLN D 102 18.20 5.39 27.46
C GLN D 102 18.48 5.42 28.96
N GLY D 103 18.59 4.24 29.56
CA GLY D 103 18.79 4.12 30.98
C GLY D 103 17.53 3.91 31.80
N ASP D 104 16.35 4.21 31.24
CA ASP D 104 15.10 3.99 31.95
C ASP D 104 14.84 2.50 32.12
N GLN D 105 14.27 2.13 33.26
CA GLN D 105 13.99 0.75 33.55
C GLN D 105 12.48 0.55 33.74
N VAL D 106 11.98 -0.63 33.33
CA VAL D 106 10.58 -1.04 33.44
C VAL D 106 10.54 -2.41 34.12
N TRP D 107 9.57 -2.61 35.02
CA TRP D 107 9.43 -3.89 35.72
C TRP D 107 8.00 -4.03 36.23
N VAL D 108 7.72 -5.21 36.77
CA VAL D 108 6.42 -5.54 37.33
C VAL D 108 6.54 -5.51 38.84
N GLU D 109 5.65 -4.77 39.51
CA GLU D 109 5.71 -4.70 40.96
C GLU D 109 4.54 -5.43 41.62
N LYS D 110 4.82 -6.03 42.77
CA LYS D 110 3.82 -6.63 43.66
C LYS D 110 4.13 -6.23 45.10
N ASP D 111 3.09 -5.93 45.87
CA ASP D 111 3.23 -5.79 47.32
C ASP D 111 3.68 -7.14 47.88
N PRO D 112 4.85 -7.21 48.53
CA PRO D 112 5.32 -8.52 49.03
C PRO D 112 4.46 -9.09 50.14
N LYS D 113 3.87 -8.21 50.94
CA LYS D 113 2.92 -8.59 51.98
C LYS D 113 1.62 -9.19 51.47
N LYS D 114 1.27 -9.05 50.18
CA LYS D 114 -0.08 -9.39 49.71
C LYS D 114 -0.03 -10.28 48.48
N GLY D 115 -0.57 -11.49 48.62
CA GLY D 115 -0.70 -12.33 47.44
C GLY D 115 0.52 -13.21 47.22
N HIS D 116 0.30 -14.25 46.44
CA HIS D 116 1.34 -15.23 46.15
C HIS D 116 1.26 -15.59 44.68
N ILE D 117 2.36 -15.44 43.96
CA ILE D 117 2.40 -15.88 42.58
C ILE D 117 2.59 -17.39 42.59
N TYR D 118 1.83 -18.08 41.74
CA TYR D 118 1.91 -19.54 41.64
C TYR D 118 3.33 -20.02 41.38
N GLN D 119 3.73 -21.05 42.13
CA GLN D 119 5.00 -21.73 41.95
C GLN D 119 4.69 -23.16 41.55
N GLY D 120 5.17 -23.55 40.37
CA GLY D 120 4.99 -24.92 39.93
C GLY D 120 5.23 -25.02 38.44
N SER D 121 5.06 -26.25 37.95
CA SER D 121 5.43 -26.57 36.58
C SER D 121 4.26 -26.55 35.63
N GLU D 122 3.03 -26.58 36.12
CA GLU D 122 1.93 -26.88 35.22
C GLU D 122 1.45 -25.67 34.40
N ALA D 123 1.77 -24.43 34.83
CA ALA D 123 1.44 -23.26 34.01
C ALA D 123 2.41 -22.12 34.33
N ASP D 124 2.29 -21.03 33.58
CA ASP D 124 3.34 -20.04 33.52
C ASP D 124 2.85 -18.61 33.78
N SER D 125 3.77 -17.79 34.29
CA SER D 125 3.67 -16.34 34.33
C SER D 125 4.67 -15.75 33.34
N VAL D 126 4.29 -14.72 32.59
CA VAL D 126 5.10 -14.18 31.49
C VAL D 126 5.17 -12.66 31.61
N PHE D 127 6.36 -12.11 31.34
CA PHE D 127 6.59 -10.68 31.14
C PHE D 127 7.19 -10.50 29.76
N SER D 128 6.59 -9.61 28.95
CA SER D 128 7.02 -9.38 27.58
C SER D 128 7.09 -7.90 27.24
N GLY D 129 7.91 -7.59 26.25
CA GLY D 129 8.02 -6.22 25.80
C GLY D 129 8.78 -6.07 24.50
N PHE D 130 8.50 -5.02 23.73
CA PHE D 130 9.27 -4.78 22.51
C PHE D 130 9.18 -3.31 22.13
N LEU D 131 10.16 -2.87 21.36
CA LEU D 131 10.15 -1.55 20.76
C LEU D 131 9.11 -1.47 19.65
N ILE D 132 8.31 -0.42 19.66
CA ILE D 132 7.32 -0.11 18.63
C ILE D 132 7.89 0.82 17.57
N PHE D 133 8.36 2.01 18.00
CA PHE D 133 9.03 2.99 17.13
C PHE D 133 10.23 3.55 17.87
N PRO D 134 11.40 3.63 17.23
CA PRO D 134 12.49 4.44 17.82
C PRO D 134 12.19 5.92 17.70
N SER D 135 12.68 6.69 18.66
CA SER D 135 12.30 8.10 18.81
C SER D 135 12.88 9.11 17.80
N THR E 1 6.51 -6.59 1.46
CA THR E 1 6.40 -8.04 1.50
C THR E 1 6.74 -8.59 2.87
N GLN E 2 7.29 -7.74 3.73
CA GLN E 2 7.57 -8.13 5.11
C GLN E 2 6.59 -7.50 6.08
N LYS E 3 5.36 -7.29 5.64
CA LYS E 3 4.26 -6.85 6.50
C LYS E 3 3.47 -8.13 6.77
N ILE E 4 3.70 -8.73 7.93
CA ILE E 4 3.12 -10.01 8.26
C ILE E 4 2.36 -9.88 9.55
N ALA E 5 1.05 -10.15 9.49
CA ALA E 5 0.18 -9.96 10.64
C ALA E 5 -1.14 -10.68 10.41
N PHE E 6 -1.68 -11.26 11.49
CA PHE E 6 -2.96 -11.95 11.39
C PHE E 6 -3.78 -11.74 12.65
N SER E 7 -5.10 -11.71 12.48
CA SER E 7 -6.08 -11.84 13.55
C SER E 7 -7.15 -12.80 13.08
N ALA E 8 -7.45 -13.81 13.89
CA ALA E 8 -8.38 -14.84 13.50
C ALA E 8 -9.20 -15.24 14.70
N THR E 9 -10.50 -15.43 14.49
CA THR E 9 -11.37 -15.83 15.58
C THR E 9 -11.88 -17.25 15.38
N ARG E 10 -12.37 -17.83 16.46
CA ARG E 10 -12.89 -19.17 16.41
C ARG E 10 -14.42 -19.09 16.43
N THR E 11 -15.04 -19.65 15.40
CA THR E 11 -16.49 -19.65 15.28
C THR E 11 -17.08 -21.05 15.22
N ILE E 12 -16.25 -22.09 15.16
CA ILE E 12 -16.76 -23.45 15.21
C ILE E 12 -17.03 -23.81 16.68
N ASN E 13 -18.06 -24.59 16.91
CA ASN E 13 -18.56 -24.79 18.26
C ASN E 13 -18.38 -26.24 18.66
N VAL E 14 -17.26 -26.80 18.18
CA VAL E 14 -16.80 -28.15 18.43
C VAL E 14 -15.92 -28.19 19.68
N PRO E 15 -16.05 -29.20 20.54
CA PRO E 15 -15.14 -29.33 21.69
C PRO E 15 -13.71 -29.72 21.27
N LEU E 16 -12.76 -29.14 22.00
CA LEU E 16 -11.35 -29.45 21.83
C LEU E 16 -10.98 -30.72 22.59
N ARG E 17 -10.13 -31.56 21.97
CA ARG E 17 -9.54 -32.69 22.66
C ARG E 17 -8.09 -32.38 23.03
N ARG E 18 -7.54 -33.21 23.91
CA ARG E 18 -6.16 -33.06 24.32
C ARG E 18 -5.23 -33.21 23.13
N ASP E 19 -4.24 -32.32 23.05
CA ASP E 19 -3.19 -32.22 22.03
C ASP E 19 -3.72 -31.84 20.66
N GLN E 20 -4.98 -31.41 20.56
CA GLN E 20 -5.50 -30.89 19.31
C GLN E 20 -5.03 -29.46 19.11
N THR E 21 -4.69 -29.13 17.87
CA THR E 21 -4.45 -27.73 17.52
C THR E 21 -5.77 -26.96 17.58
N ILE E 22 -5.75 -25.78 18.20
CA ILE E 22 -6.95 -24.96 18.30
C ILE E 22 -7.06 -24.13 17.01
N ARG E 23 -8.06 -24.43 16.20
CA ARG E 23 -8.24 -23.75 14.92
C ARG E 23 -9.04 -22.48 15.14
N PHE E 24 -8.48 -21.38 14.66
CA PHE E 24 -9.18 -20.11 14.63
C PHE E 24 -9.54 -19.94 13.17
N ASP E 25 -10.78 -20.30 12.84
CA ASP E 25 -11.17 -20.53 11.46
C ASP E 25 -11.50 -19.27 10.68
N HIS E 26 -11.87 -18.17 11.36
CA HIS E 26 -12.43 -16.98 10.73
C HIS E 26 -11.39 -15.86 10.70
N VAL E 27 -11.05 -15.39 9.52
CA VAL E 27 -9.96 -14.44 9.32
C VAL E 27 -10.50 -13.02 9.40
N ILE E 28 -10.03 -12.24 10.37
CA ILE E 28 -10.19 -10.79 10.31
C ILE E 28 -9.06 -10.17 9.48
N THR E 29 -7.82 -10.61 9.71
CA THR E 29 -6.62 -10.09 9.07
C THR E 29 -5.67 -11.27 8.82
N ASN E 30 -5.03 -11.31 7.64
CA ASN E 30 -4.05 -12.37 7.30
C ASN E 30 -3.09 -11.80 6.26
N MET E 31 -2.35 -10.78 6.67
CA MET E 31 -1.48 -10.09 5.74
C MET E 31 -0.26 -10.96 5.45
N ASN E 32 0.04 -11.09 4.16
CA ASN E 32 1.01 -12.01 3.57
C ASN E 32 0.68 -13.49 3.74
N ASN E 33 -0.52 -13.81 4.23
CA ASN E 33 -1.07 -15.18 4.23
C ASN E 33 -0.18 -16.21 4.91
N ASN E 34 0.40 -15.85 6.05
CA ASN E 34 1.23 -16.84 6.72
C ASN E 34 0.48 -17.62 7.79
N TYR E 35 -0.71 -17.17 8.15
CA TYR E 35 -1.60 -17.93 8.99
C TYR E 35 -2.49 -18.77 8.10
N GLU E 36 -2.69 -20.03 8.49
CA GLU E 36 -3.53 -20.97 7.74
C GLU E 36 -4.77 -21.28 8.56
N PRO E 37 -5.93 -20.71 8.23
CA PRO E 37 -7.11 -20.91 9.10
C PRO E 37 -7.67 -22.30 9.03
N ARG E 38 -7.36 -23.06 7.98
CA ARG E 38 -7.81 -24.46 7.91
C ARG E 38 -7.10 -25.36 8.91
N SER E 39 -5.98 -24.92 9.46
CA SER E 39 -5.17 -25.67 10.40
C SER E 39 -5.07 -25.02 11.77
N GLY E 40 -5.09 -23.68 11.84
CA GLY E 40 -4.83 -22.94 13.05
C GLY E 40 -3.38 -22.59 13.29
N LYS E 41 -2.48 -22.91 12.36
CA LYS E 41 -1.06 -22.68 12.55
C LYS E 41 -0.58 -21.47 11.76
N PHE E 42 0.19 -20.63 12.41
CA PHE E 42 1.05 -19.68 11.72
C PHE E 42 2.29 -20.43 11.25
N THR E 43 2.73 -20.22 10.01
CA THR E 43 3.99 -20.80 9.56
C THR E 43 4.89 -19.67 9.06
N CYS E 44 6.09 -19.60 9.63
CA CYS E 44 7.01 -18.51 9.38
C CYS E 44 7.66 -18.67 8.01
N LYS E 45 7.44 -17.69 7.14
CA LYS E 45 8.18 -17.56 5.91
C LYS E 45 9.27 -16.49 5.98
N VAL E 46 9.08 -15.47 6.80
CA VAL E 46 10.09 -14.42 6.98
C VAL E 46 10.65 -14.58 8.38
N PRO E 47 11.86 -15.08 8.55
CA PRO E 47 12.44 -15.26 9.89
C PRO E 47 12.64 -13.94 10.61
N GLY E 48 12.46 -13.98 11.92
CA GLY E 48 12.58 -12.76 12.69
C GLY E 48 11.87 -12.91 14.03
N LEU E 49 11.65 -11.75 14.65
CA LEU E 49 11.01 -11.65 15.94
C LEU E 49 9.53 -11.36 15.78
N TYR E 50 8.69 -12.14 16.45
CA TYR E 50 7.24 -12.03 16.30
C TYR E 50 6.58 -11.94 17.66
N TYR E 51 5.45 -11.25 17.72
CA TYR E 51 4.61 -11.23 18.92
C TYR E 51 3.30 -11.96 18.62
N PHE E 52 2.93 -12.88 19.50
CA PHE E 52 1.71 -13.65 19.40
C PHE E 52 0.87 -13.40 20.64
N THR E 53 -0.45 -13.39 20.47
CA THR E 53 -1.30 -13.08 21.59
C THR E 53 -2.66 -13.70 21.33
N TYR E 54 -3.34 -14.04 22.40
CA TYR E 54 -4.69 -14.53 22.26
C TYR E 54 -5.53 -14.00 23.40
N HIS E 55 -6.83 -14.02 23.19
CA HIS E 55 -7.83 -13.74 24.22
C HIS E 55 -8.88 -14.79 24.02
N ALA E 56 -9.13 -15.59 25.07
CA ALA E 56 -9.98 -16.75 25.00
C ALA E 56 -11.18 -16.55 25.92
N SER E 57 -12.38 -16.68 25.38
CA SER E 57 -13.56 -16.72 26.22
C SER E 57 -13.73 -18.11 26.81
N SER E 58 -14.28 -18.18 28.01
CA SER E 58 -14.28 -19.44 28.76
C SER E 58 -15.40 -19.39 29.79
N ARG E 59 -15.85 -20.58 30.19
CA ARG E 59 -16.82 -20.73 31.28
C ARG E 59 -16.41 -21.82 32.27
N GLY E 60 -15.14 -22.22 32.24
CA GLY E 60 -14.59 -23.27 33.08
C GLY E 60 -13.08 -23.38 32.95
N ASN E 61 -12.56 -24.59 33.08
CA ASN E 61 -11.11 -24.81 33.12
C ASN E 61 -10.51 -24.70 31.72
N LEU E 62 -9.53 -23.82 31.55
CA LEU E 62 -8.83 -23.73 30.28
C LEU E 62 -7.32 -23.71 30.50
N CYS E 63 -6.63 -24.66 29.89
CA CYS E 63 -5.18 -24.62 29.77
C CYS E 63 -4.82 -24.74 28.30
N VAL E 64 -3.99 -23.85 27.80
CA VAL E 64 -3.57 -23.92 26.40
C VAL E 64 -2.05 -23.89 26.35
N ASN E 65 -1.49 -24.71 25.48
CA ASN E 65 -0.06 -24.71 25.20
C ASN E 65 0.19 -23.82 24.00
N LEU E 66 1.13 -22.90 24.14
CA LEU E 66 1.67 -22.20 22.99
C LEU E 66 2.84 -23.05 22.47
N MET E 67 2.75 -23.49 21.22
CA MET E 67 3.69 -24.41 20.61
C MET E 67 4.55 -23.70 19.57
N ARG E 68 5.78 -24.20 19.40
CA ARG E 68 6.68 -23.68 18.36
C ARG E 68 7.54 -24.82 17.84
N GLY E 69 7.70 -24.93 16.52
CA GLY E 69 8.58 -25.92 15.94
C GLY E 69 8.02 -26.35 14.60
N ARG E 70 8.62 -27.41 14.06
CA ARG E 70 8.18 -27.93 12.78
C ARG E 70 7.14 -29.04 12.90
N GLU E 71 7.52 -30.31 12.66
CA GLU E 71 6.51 -31.35 12.49
C GLU E 71 5.92 -31.80 13.83
N ARG E 72 6.73 -32.10 14.85
CA ARG E 72 6.27 -31.78 16.18
C ARG E 72 6.90 -30.48 16.63
N ALA E 73 6.03 -29.52 16.94
CA ALA E 73 6.36 -28.36 17.71
C ALA E 73 6.60 -28.79 19.16
N GLN E 74 7.26 -27.94 19.90
CA GLN E 74 7.46 -28.19 21.32
C GLN E 74 6.78 -27.07 22.08
N LYS E 75 6.24 -27.42 23.26
CA LYS E 75 5.56 -26.46 24.11
C LYS E 75 6.52 -25.36 24.55
N VAL E 76 6.16 -24.11 24.28
CA VAL E 76 6.92 -22.98 24.80
C VAL E 76 6.47 -22.66 26.22
N VAL E 77 5.15 -22.38 26.40
CA VAL E 77 4.54 -22.15 27.71
C VAL E 77 3.12 -22.74 27.74
N THR E 78 2.61 -22.90 28.95
CA THR E 78 1.22 -23.22 29.19
C THR E 78 0.58 -22.09 29.98
N PHE E 79 -0.58 -21.61 29.53
CA PHE E 79 -1.38 -20.67 30.31
C PHE E 79 -2.63 -21.38 30.80
N CYS E 80 -2.87 -21.32 32.11
CA CYS E 80 -4.08 -21.89 32.69
C CYS E 80 -4.88 -20.79 33.37
N ASP E 81 -6.20 -20.87 33.24
CA ASP E 81 -7.12 -19.95 33.89
C ASP E 81 -8.39 -20.73 34.14
N TYR E 82 -8.86 -20.77 35.40
CA TYR E 82 -9.98 -21.62 35.80
C TYR E 82 -11.14 -20.68 36.17
N ALA E 83 -12.08 -20.52 35.24
CA ALA E 83 -13.28 -19.72 35.52
C ALA E 83 -14.17 -20.47 36.50
N TYR E 84 -14.70 -19.74 37.47
CA TYR E 84 -15.41 -20.36 38.57
C TYR E 84 -16.89 -20.66 38.28
N ASN E 85 -17.63 -19.66 37.82
CA ASN E 85 -19.08 -19.79 37.70
C ASN E 85 -19.60 -19.47 36.31
N THR E 86 -18.98 -18.45 35.70
CA THR E 86 -19.58 -17.66 34.63
C THR E 86 -18.64 -17.53 33.44
N PHE E 87 -19.14 -16.83 32.42
CA PHE E 87 -18.35 -16.42 31.25
C PHE E 87 -17.20 -15.50 31.65
N GLN E 88 -16.00 -15.82 31.19
CA GLN E 88 -14.83 -15.01 31.48
C GLN E 88 -13.98 -14.90 30.22
N VAL E 89 -13.01 -13.99 30.25
CA VAL E 89 -12.03 -13.86 29.19
C VAL E 89 -10.65 -13.92 29.82
N THR E 90 -9.75 -14.70 29.23
CA THR E 90 -8.38 -14.85 29.68
C THR E 90 -7.44 -14.65 28.49
N THR E 91 -6.17 -14.37 28.80
CA THR E 91 -5.22 -13.85 27.83
C THR E 91 -3.87 -14.54 28.00
N GLY E 92 -3.16 -14.75 26.88
CA GLY E 92 -1.75 -15.05 26.91
C GLY E 92 -1.03 -14.37 25.77
N GLY E 93 0.28 -14.16 25.97
CA GLY E 93 1.08 -13.45 24.99
C GLY E 93 2.53 -13.89 25.08
N MET E 94 3.27 -13.73 23.98
CA MET E 94 4.65 -14.18 23.93
C MET E 94 5.39 -13.59 22.73
N VAL E 95 6.64 -13.17 22.97
CA VAL E 95 7.56 -12.74 21.93
C VAL E 95 8.44 -13.94 21.55
N LEU E 96 8.46 -14.31 20.28
CA LEU E 96 9.26 -15.44 19.81
C LEU E 96 10.13 -15.06 18.63
N LYS E 97 11.36 -15.55 18.64
CA LYS E 97 12.22 -15.57 17.49
C LYS E 97 11.89 -16.81 16.66
N LEU E 98 11.54 -16.63 15.39
CA LEU E 98 11.24 -17.75 14.52
C LEU E 98 12.24 -17.86 13.37
N GLU E 99 12.53 -19.10 12.99
CA GLU E 99 13.28 -19.44 11.80
C GLU E 99 12.33 -19.91 10.70
N GLN E 100 12.90 -20.11 9.51
CA GLN E 100 12.17 -20.46 8.31
C GLN E 100 11.43 -21.79 8.45
N GLY E 101 10.12 -21.78 8.21
CA GLY E 101 9.33 -22.98 8.28
C GLY E 101 8.84 -23.38 9.64
N GLU E 102 9.18 -22.62 10.69
CA GLU E 102 8.70 -22.93 12.03
C GLU E 102 7.21 -22.57 12.15
N ASN E 103 6.44 -23.49 12.73
CA ASN E 103 5.04 -23.26 13.07
C ASN E 103 4.90 -22.67 14.48
N VAL E 104 3.89 -21.83 14.66
CA VAL E 104 3.44 -21.39 15.98
C VAL E 104 1.94 -21.58 16.03
N PHE E 105 1.42 -22.19 17.11
CA PHE E 105 -0.01 -22.43 17.26
C PHE E 105 -0.38 -22.73 18.71
N LEU E 106 -1.68 -22.62 19.00
CA LEU E 106 -2.18 -22.96 20.32
C LEU E 106 -2.67 -24.41 20.34
N GLN E 107 -2.35 -25.11 21.41
CA GLN E 107 -2.72 -26.50 21.54
C GLN E 107 -3.59 -26.72 22.78
N ALA E 108 -4.66 -27.50 22.63
CA ALA E 108 -5.58 -27.78 23.72
C ALA E 108 -5.04 -28.90 24.62
N THR E 109 -5.46 -28.86 25.88
CA THR E 109 -5.21 -29.87 26.90
C THR E 109 -6.55 -30.47 27.34
N ASP E 110 -6.51 -31.22 28.45
CA ASP E 110 -7.72 -31.76 29.06
C ASP E 110 -8.65 -30.66 29.57
N LYS E 111 -8.10 -29.50 29.93
CA LYS E 111 -8.89 -28.36 30.39
C LYS E 111 -9.24 -27.55 29.16
N ASN E 112 -10.44 -27.78 28.62
CA ASN E 112 -10.77 -27.38 27.25
C ASN E 112 -11.94 -26.42 27.16
N SER E 113 -12.25 -25.67 28.22
CA SER E 113 -13.37 -24.74 28.15
C SER E 113 -12.93 -23.49 27.40
N LEU E 114 -13.07 -23.53 26.08
CA LEU E 114 -12.81 -22.39 25.21
C LEU E 114 -14.02 -22.20 24.32
N LEU E 115 -14.56 -20.98 24.26
CA LEU E 115 -15.78 -20.78 23.51
C LEU E 115 -15.57 -19.88 22.31
N GLY E 116 -16.37 -20.14 21.28
CA GLY E 116 -16.41 -19.29 20.11
C GLY E 116 -17.86 -18.92 19.87
N MET E 117 -18.29 -17.79 20.42
CA MET E 117 -19.66 -17.33 20.29
C MET E 117 -19.64 -15.87 19.84
N GLU E 118 -20.76 -15.42 19.25
CA GLU E 118 -20.82 -14.06 18.73
C GLU E 118 -20.72 -13.03 19.84
N GLY E 119 -21.31 -13.32 21.00
CA GLY E 119 -21.16 -12.44 22.14
C GLY E 119 -20.02 -12.76 23.07
N ALA E 120 -19.18 -13.76 22.78
CA ALA E 120 -18.07 -14.13 23.67
C ALA E 120 -16.93 -14.70 22.82
N ASN E 121 -16.07 -13.83 22.33
CA ASN E 121 -15.14 -14.20 21.27
C ASN E 121 -13.89 -14.87 21.83
N SER E 122 -13.24 -15.63 20.95
CA SER E 122 -11.88 -16.12 21.15
C SER E 122 -11.09 -15.75 19.90
N ILE E 123 -9.92 -15.14 20.10
CA ILE E 123 -9.13 -14.57 19.00
C ILE E 123 -7.67 -14.96 19.21
N PHE E 124 -6.95 -15.22 18.11
CA PHE E 124 -5.52 -15.52 18.10
C PHE E 124 -4.90 -14.56 17.12
N SER E 125 -3.83 -13.87 17.54
CA SER E 125 -3.26 -12.82 16.72
C SER E 125 -1.73 -12.91 16.74
N GLY E 126 -1.11 -12.44 15.66
CA GLY E 126 0.35 -12.41 15.61
C GLY E 126 0.83 -11.40 14.59
N PHE E 127 2.03 -10.85 14.83
CA PHE E 127 2.63 -9.95 13.85
C PHE E 127 4.15 -9.94 13.97
N LEU E 128 4.79 -9.60 12.86
CA LEU E 128 6.24 -9.43 12.82
C LEU E 128 6.67 -8.20 13.61
N LEU E 129 7.65 -8.37 14.48
CA LEU E 129 8.25 -7.21 15.12
C LEU E 129 9.45 -6.70 14.35
N PHE E 130 10.38 -7.60 13.99
CA PHE E 130 11.63 -7.25 13.32
C PHE E 130 12.04 -8.39 12.41
N PRO E 131 12.28 -8.14 11.12
CA PRO E 131 12.84 -9.18 10.26
C PRO E 131 14.31 -9.43 10.61
N ASP E 132 14.83 -10.55 10.13
CA ASP E 132 16.25 -10.81 10.25
C ASP E 132 16.99 -10.20 9.06
N MET E 133 18.32 -10.34 9.08
CA MET E 133 19.29 -10.09 7.98
C MET E 133 18.80 -10.11 6.53
N LYS F 4 9.96 11.41 10.44
CA LYS F 4 9.54 12.13 11.62
C LYS F 4 8.36 11.32 12.17
N GLN F 5 7.64 11.77 13.21
CA GLN F 5 6.62 10.94 13.80
C GLN F 5 5.20 11.25 13.30
N LYS F 6 5.06 11.99 12.18
CA LYS F 6 3.73 12.22 11.62
C LYS F 6 3.24 10.94 10.96
N PHE F 7 4.19 10.04 10.59
CA PHE F 7 3.85 8.75 9.97
C PHE F 7 3.80 7.64 10.96
N GLN F 8 3.80 7.94 12.24
CA GLN F 8 3.58 6.87 13.21
C GLN F 8 2.25 7.13 13.87
N SER F 9 1.84 6.22 14.74
CA SER F 9 0.56 6.37 15.44
C SER F 9 0.67 5.49 16.66
N VAL F 10 0.51 6.09 17.84
CA VAL F 10 0.57 5.33 19.07
C VAL F 10 -0.22 6.09 20.13
N PHE F 11 -0.92 5.33 20.98
CA PHE F 11 -1.57 5.96 22.11
C PHE F 11 -1.66 4.98 23.27
N THR F 12 -1.65 5.54 24.47
CA THR F 12 -2.12 4.79 25.63
C THR F 12 -2.93 5.79 26.45
N VAL F 13 -4.20 5.44 26.70
CA VAL F 13 -5.13 6.29 27.42
C VAL F 13 -5.77 5.48 28.54
N THR F 14 -6.10 6.14 29.64
CA THR F 14 -6.77 5.44 30.73
C THR F 14 -8.06 6.15 31.06
N ARG F 15 -8.89 5.45 31.82
CA ARG F 15 -10.19 5.98 32.20
C ARG F 15 -10.13 6.18 33.70
N GLN F 16 -10.27 7.41 34.13
CA GLN F 16 -10.18 7.61 35.55
C GLN F 16 -11.51 8.00 36.15
N THR F 17 -12.55 8.30 35.35
CA THR F 17 -13.89 8.69 35.83
C THR F 17 -14.43 7.65 36.79
N HIS F 18 -14.90 8.11 37.97
CA HIS F 18 -14.94 7.06 38.98
C HIS F 18 -16.28 6.34 38.95
N GLN F 19 -17.29 6.97 38.30
CA GLN F 19 -18.53 6.31 37.88
C GLN F 19 -18.28 5.53 36.60
N PRO F 20 -18.77 4.30 36.51
CA PRO F 20 -18.67 3.51 35.24
C PRO F 20 -19.54 4.12 34.15
N PRO F 21 -19.37 3.74 32.88
CA PRO F 21 -20.27 4.25 31.83
C PRO F 21 -21.71 3.87 32.09
N ALA F 22 -22.61 4.66 31.52
CA ALA F 22 -23.99 4.24 31.44
C ALA F 22 -24.06 2.95 30.61
N PRO F 23 -25.04 2.07 30.86
CA PRO F 23 -25.26 0.94 29.97
C PRO F 23 -25.46 1.41 28.53
N ASN F 24 -24.83 0.68 27.61
CA ASN F 24 -24.89 0.91 26.18
C ASN F 24 -24.33 2.30 25.85
N SER F 25 -23.01 2.47 25.85
CA SER F 25 -22.45 3.78 25.59
C SER F 25 -21.01 3.58 25.16
N LEU F 26 -20.51 4.58 24.44
CA LEU F 26 -19.10 4.62 24.09
C LEU F 26 -18.30 4.88 25.35
N ILE F 27 -17.23 4.12 25.53
CA ILE F 27 -16.37 4.29 26.70
C ILE F 27 -15.39 5.42 26.41
N ARG F 28 -15.45 6.46 27.24
CA ARG F 28 -14.55 7.61 27.12
C ARG F 28 -13.34 7.41 28.02
N PHE F 29 -12.15 7.34 27.44
CA PHE F 29 -10.93 7.31 28.23
C PHE F 29 -10.43 8.76 28.37
N ASN F 30 -10.56 9.31 29.57
CA ASN F 30 -10.37 10.73 29.80
C ASN F 30 -8.94 11.15 30.11
N ALA F 31 -7.98 10.23 30.33
CA ALA F 31 -6.64 10.60 30.78
C ALA F 31 -5.60 10.06 29.82
N VAL F 32 -4.82 10.98 29.22
CA VAL F 32 -3.81 10.60 28.24
C VAL F 32 -2.54 10.24 29.00
N LEU F 33 -1.96 9.08 28.67
CA LEU F 33 -0.58 8.74 29.06
C LEU F 33 0.40 9.01 27.93
N THR F 34 0.09 8.52 26.72
CA THR F 34 0.85 8.69 25.48
C THR F 34 -0.16 9.00 24.39
N ASN F 35 0.04 10.06 23.62
CA ASN F 35 -0.84 10.35 22.47
C ASN F 35 -0.18 11.35 21.50
N PRO F 36 1.09 11.12 21.04
CA PRO F 36 1.83 12.21 20.38
C PRO F 36 1.29 12.63 19.03
N GLN F 37 0.46 11.84 18.35
CA GLN F 37 -0.15 12.29 17.12
C GLN F 37 -1.57 12.80 17.30
N GLY F 38 -2.09 12.79 18.53
CA GLY F 38 -3.48 13.18 18.78
C GLY F 38 -4.51 12.27 18.14
N ASP F 39 -4.16 11.01 17.88
CA ASP F 39 -5.05 10.12 17.15
C ASP F 39 -6.21 9.64 18.01
N TYR F 40 -6.01 9.53 19.33
CA TYR F 40 -7.11 9.39 20.27
C TYR F 40 -7.58 10.76 20.70
N ASP F 41 -8.89 10.96 20.67
CA ASP F 41 -9.56 12.20 21.07
C ASP F 41 -10.31 11.90 22.38
N THR F 42 -9.87 12.50 23.49
CA THR F 42 -10.50 12.25 24.77
C THR F 42 -11.83 12.98 24.94
N SER F 43 -12.20 13.87 24.04
CA SER F 43 -13.52 14.48 24.17
C SER F 43 -14.59 13.66 23.46
N THR F 44 -14.24 12.92 22.41
CA THR F 44 -15.17 12.00 21.76
C THR F 44 -14.98 10.55 22.18
N GLY F 45 -13.83 10.20 22.74
CA GLY F 45 -13.57 8.80 23.07
C GLY F 45 -13.25 7.94 21.88
N LYS F 46 -12.84 8.55 20.76
CA LYS F 46 -12.63 7.81 19.51
C LYS F 46 -11.20 7.93 19.04
N PHE F 47 -10.66 6.85 18.50
CA PHE F 47 -9.47 6.91 17.68
C PHE F 47 -9.89 7.29 16.26
N THR F 48 -9.16 8.18 15.61
CA THR F 48 -9.40 8.40 14.18
C THR F 48 -8.10 8.26 13.41
N CYS F 49 -8.12 7.42 12.39
CA CYS F 49 -6.93 7.07 11.64
C CYS F 49 -6.44 8.26 10.81
N LYS F 50 -5.19 8.67 11.04
CA LYS F 50 -4.48 9.59 10.16
C LYS F 50 -3.58 8.85 9.19
N VAL F 51 -2.88 7.84 9.66
CA VAL F 51 -1.93 7.11 8.82
C VAL F 51 -2.50 5.73 8.52
N PRO F 52 -2.75 5.41 7.26
CA PRO F 52 -3.39 4.13 6.94
C PRO F 52 -2.40 2.97 7.08
N GLY F 53 -2.95 1.83 7.42
CA GLY F 53 -2.19 0.61 7.50
C GLY F 53 -2.75 -0.30 8.57
N LEU F 54 -1.90 -1.19 9.01
CA LEU F 54 -2.31 -2.22 9.94
C LEU F 54 -2.03 -1.76 11.36
N TYR F 55 -3.07 -1.81 12.21
CA TYR F 55 -3.03 -1.35 13.59
C TYR F 55 -3.25 -2.50 14.55
N TYR F 56 -2.61 -2.41 15.71
CA TYR F 56 -2.91 -3.27 16.85
C TYR F 56 -3.68 -2.48 17.88
N PHE F 57 -4.82 -2.99 18.34
CA PHE F 57 -5.58 -2.38 19.43
C PHE F 57 -5.70 -3.36 20.58
N VAL F 58 -5.55 -2.89 21.81
CA VAL F 58 -5.63 -3.75 22.99
C VAL F 58 -6.12 -2.93 24.17
N TYR F 59 -6.92 -3.56 25.04
CA TYR F 59 -7.40 -2.87 26.23
C TYR F 59 -7.29 -3.79 27.43
N HIS F 60 -7.37 -3.20 28.62
CA HIS F 60 -7.52 -3.94 29.87
C HIS F 60 -8.44 -3.12 30.75
N ALA F 61 -9.63 -3.65 31.07
CA ALA F 61 -10.67 -2.90 31.76
C ALA F 61 -11.01 -3.58 33.07
N SER F 62 -10.84 -2.87 34.18
CA SER F 62 -11.14 -3.40 35.50
C SER F 62 -12.62 -3.25 35.78
N HIS F 63 -13.20 -4.23 36.47
CA HIS F 63 -14.62 -4.15 36.82
C HIS F 63 -14.90 -5.04 38.02
N THR F 64 -15.95 -4.69 38.76
CA THR F 64 -16.42 -5.48 39.90
C THR F 64 -17.86 -5.95 39.72
N ALA F 65 -18.50 -5.67 38.59
CA ALA F 65 -19.74 -6.35 38.20
C ALA F 65 -19.59 -6.75 36.75
N ASN F 66 -20.69 -7.20 36.12
CA ASN F 66 -20.65 -7.73 34.75
C ASN F 66 -20.20 -6.65 33.76
N LEU F 67 -19.26 -7.01 32.88
CA LEU F 67 -18.72 -6.11 31.88
C LEU F 67 -18.55 -6.84 30.55
N CYS F 68 -19.13 -6.31 29.49
CA CYS F 68 -18.73 -6.69 28.15
C CYS F 68 -18.18 -5.45 27.46
N VAL F 69 -17.05 -5.61 26.79
CA VAL F 69 -16.40 -4.52 26.07
C VAL F 69 -16.42 -4.91 24.61
N LEU F 70 -16.83 -3.95 23.77
CA LEU F 70 -17.00 -4.19 22.36
C LEU F 70 -16.10 -3.21 21.63
N LEU F 71 -15.31 -3.70 20.67
CA LEU F 71 -14.53 -2.81 19.81
C LEU F 71 -15.30 -2.57 18.52
N TYR F 72 -15.47 -1.30 18.18
CA TYR F 72 -16.15 -0.87 16.97
C TYR F 72 -15.18 -0.24 15.99
N ARG F 73 -15.44 -0.44 14.70
CA ARG F 73 -14.67 0.18 13.63
C ARG F 73 -15.67 0.75 12.64
N SER F 74 -15.75 2.09 12.57
CA SER F 74 -16.74 2.86 11.80
C SER F 74 -18.17 2.34 11.96
N GLY F 75 -18.58 2.16 13.21
CA GLY F 75 -19.93 1.72 13.48
C GLY F 75 -20.16 0.23 13.35
N VAL F 76 -19.12 -0.55 13.06
CA VAL F 76 -19.25 -1.99 12.87
C VAL F 76 -18.61 -2.67 14.06
N LYS F 77 -19.37 -3.56 14.69
CA LYS F 77 -18.95 -4.30 15.85
C LYS F 77 -17.89 -5.31 15.44
N VAL F 78 -16.65 -5.13 15.90
CA VAL F 78 -15.56 -6.01 15.47
C VAL F 78 -15.41 -7.21 16.39
N VAL F 79 -15.09 -6.99 17.67
CA VAL F 79 -14.99 -8.10 18.63
C VAL F 79 -15.71 -7.73 19.92
N THR F 80 -16.06 -8.78 20.69
CA THR F 80 -16.75 -8.66 21.97
C THR F 80 -16.13 -9.64 22.96
N PHE F 81 -15.77 -9.14 24.15
CA PHE F 81 -15.29 -10.01 25.22
C PHE F 81 -16.03 -9.64 26.49
N CYS F 82 -16.47 -10.66 27.23
CA CYS F 82 -17.35 -10.47 28.35
C CYS F 82 -16.70 -11.06 29.60
N GLY F 83 -16.94 -10.42 30.72
CA GLY F 83 -16.34 -10.83 31.97
C GLY F 83 -17.48 -10.71 32.94
N HIS F 84 -18.07 -11.82 33.34
CA HIS F 84 -19.19 -11.80 34.26
C HIS F 84 -18.66 -12.11 35.65
N THR F 85 -19.09 -11.30 36.62
CA THR F 85 -18.61 -11.41 37.98
C THR F 85 -19.60 -10.73 38.90
N SER F 86 -19.61 -11.16 40.14
CA SER F 86 -20.38 -10.57 41.20
C SER F 86 -19.36 -10.24 42.27
N LYS F 87 -19.43 -9.06 42.89
CA LYS F 87 -18.45 -8.65 43.93
C LYS F 87 -16.94 -8.66 43.69
N THR F 88 -16.44 -9.49 42.80
CA THR F 88 -15.02 -9.64 42.61
C THR F 88 -14.45 -8.68 41.55
N ASN F 89 -13.29 -8.10 41.83
CA ASN F 89 -12.59 -7.31 40.83
C ASN F 89 -11.89 -8.24 39.85
N GLN F 90 -12.13 -8.06 38.57
CA GLN F 90 -11.32 -8.75 37.57
C GLN F 90 -10.98 -7.78 36.44
N VAL F 91 -10.11 -8.23 35.56
CA VAL F 91 -9.72 -7.45 34.39
C VAL F 91 -10.26 -8.13 33.13
N ASN F 92 -11.03 -7.38 32.34
CA ASN F 92 -11.48 -7.77 31.01
C ASN F 92 -10.42 -7.26 30.04
N SER F 93 -9.87 -8.15 29.23
CA SER F 93 -8.86 -7.81 28.26
C SER F 93 -9.31 -8.28 26.89
N GLY F 94 -8.92 -7.52 25.86
CA GLY F 94 -9.22 -7.95 24.50
C GLY F 94 -8.35 -7.19 23.54
N GLY F 95 -8.34 -7.65 22.29
CA GLY F 95 -7.45 -7.07 21.31
C GLY F 95 -7.67 -7.65 19.94
N VAL F 96 -7.18 -6.91 18.94
CA VAL F 96 -7.40 -7.26 17.53
C VAL F 96 -6.41 -6.47 16.67
N LEU F 97 -6.02 -7.07 15.53
CA LEU F 97 -5.26 -6.44 14.46
C LEU F 97 -6.21 -6.02 13.35
N LEU F 98 -6.24 -4.73 13.00
CA LEU F 98 -7.16 -4.20 12.00
C LEU F 98 -6.43 -3.35 10.98
N ARG F 99 -6.83 -3.46 9.73
CA ARG F 99 -6.38 -2.53 8.71
C ARG F 99 -7.32 -1.34 8.70
N LEU F 100 -6.76 -0.14 8.80
CA LEU F 100 -7.60 1.04 8.82
C LEU F 100 -7.27 1.91 7.62
N GLN F 101 -8.26 2.64 7.09
CA GLN F 101 -7.98 3.62 6.03
C GLN F 101 -8.13 4.97 6.74
N VAL F 102 -7.77 6.05 6.02
CA VAL F 102 -7.70 7.40 6.60
C VAL F 102 -9.09 7.89 6.97
N GLY F 103 -9.24 8.41 8.19
CA GLY F 103 -10.50 8.92 8.67
C GLY F 103 -11.38 7.90 9.39
N GLU F 104 -11.03 6.62 9.34
CA GLU F 104 -11.82 5.60 10.01
C GLU F 104 -11.75 5.73 11.52
N GLU F 105 -12.87 5.47 12.19
CA GLU F 105 -12.97 5.64 13.62
C GLU F 105 -13.00 4.28 14.30
N VAL F 106 -12.31 4.17 15.43
CA VAL F 106 -12.30 2.99 16.27
C VAL F 106 -12.66 3.45 17.67
N TRP F 107 -13.56 2.72 18.34
CA TRP F 107 -13.84 3.00 19.75
C TRP F 107 -14.20 1.72 20.48
N LEU F 108 -14.20 1.81 21.81
CA LEU F 108 -14.71 0.78 22.69
C LEU F 108 -16.07 1.18 23.25
N ALA F 109 -16.92 0.18 23.49
CA ALA F 109 -18.24 0.41 24.07
C ALA F 109 -18.59 -0.71 25.02
N VAL F 110 -19.61 -0.47 25.84
CA VAL F 110 -20.22 -1.50 26.65
C VAL F 110 -21.62 -1.72 26.13
N ASN F 111 -22.20 -2.87 26.49
CA ASN F 111 -23.59 -3.10 26.17
C ASN F 111 -24.39 -2.95 27.45
N ASP F 112 -25.34 -3.87 27.70
CA ASP F 112 -26.06 -3.84 28.96
C ASP F 112 -25.21 -4.21 30.15
N TYR F 113 -24.04 -4.84 29.93
CA TYR F 113 -23.11 -5.15 31.00
C TYR F 113 -21.99 -4.11 30.93
N TYR F 114 -21.98 -3.20 31.89
CA TYR F 114 -21.36 -1.91 31.72
C TYR F 114 -20.38 -1.54 32.81
N ASP F 115 -20.16 -2.42 33.79
CA ASP F 115 -19.45 -1.99 34.99
C ASP F 115 -17.96 -1.77 34.72
N MET F 116 -17.44 -0.64 35.21
CA MET F 116 -16.01 -0.38 35.16
C MET F 116 -15.52 0.22 36.46
N VAL F 117 -16.09 -0.17 37.59
CA VAL F 117 -15.49 0.21 38.87
C VAL F 117 -14.37 -0.80 39.13
N GLY F 118 -13.13 -0.36 38.97
CA GLY F 118 -12.03 -1.11 39.53
C GLY F 118 -11.94 -0.85 41.02
N ILE F 119 -11.42 -1.83 41.76
CA ILE F 119 -10.99 -1.54 43.12
C ILE F 119 -9.74 -0.67 43.00
N GLN F 120 -9.35 -0.05 44.12
CA GLN F 120 -8.23 0.87 44.10
C GLN F 120 -6.93 0.13 43.75
N GLY F 121 -6.19 0.70 42.79
CA GLY F 121 -5.06 0.06 42.20
C GLY F 121 -5.35 -0.84 41.01
N SER F 122 -6.62 -0.99 40.59
CA SER F 122 -6.90 -1.77 39.38
C SER F 122 -7.47 -0.83 38.33
N ASP F 123 -6.71 -0.67 37.23
CA ASP F 123 -6.93 0.40 36.28
C ASP F 123 -7.63 -0.11 35.02
N SER F 124 -8.02 0.84 34.19
CA SER F 124 -8.63 0.56 32.91
C SER F 124 -7.87 1.34 31.86
N VAL F 125 -7.37 0.65 30.83
CA VAL F 125 -6.41 1.22 29.90
C VAL F 125 -6.76 0.74 28.49
N PHE F 126 -6.51 1.60 27.50
CA PHE F 126 -6.75 1.29 26.09
C PHE F 126 -5.53 1.78 25.33
N SER F 127 -5.00 0.92 24.44
CA SER F 127 -3.79 1.23 23.69
C SER F 127 -3.95 0.84 22.25
N GLY F 128 -3.17 1.51 21.39
CA GLY F 128 -3.14 1.20 19.97
C GLY F 128 -1.89 1.71 19.30
N PHE F 129 -1.42 0.99 18.27
CA PHE F 129 -0.31 1.50 17.47
C PHE F 129 -0.31 0.93 16.07
N LEU F 130 0.23 1.73 15.14
CA LEU F 130 0.43 1.33 13.75
C LEU F 130 1.57 0.32 13.69
N LEU F 131 1.38 -0.77 12.96
CA LEU F 131 2.38 -1.82 12.98
C LEU F 131 3.51 -1.64 11.96
N PHE F 132 3.22 -1.24 10.73
CA PHE F 132 4.24 -1.23 9.68
C PHE F 132 4.39 0.14 9.03
N PRO F 133 5.11 1.07 9.67
CA PRO F 133 5.38 2.37 9.03
C PRO F 133 6.52 2.28 8.03
N ASP F 134 6.38 2.98 6.91
CA ASP F 134 7.35 2.97 5.83
C ASP F 134 8.45 4.01 5.96
N GLN G 3 -17.61 2.70 -6.22
CA GLN G 3 -18.94 2.61 -6.82
C GLN G 3 -19.25 3.78 -7.74
N LEU G 4 -19.85 3.47 -8.89
CA LEU G 4 -20.40 4.44 -9.82
C LEU G 4 -21.92 4.25 -9.93
N VAL G 5 -22.67 5.34 -10.03
CA VAL G 5 -24.12 5.27 -10.20
C VAL G 5 -24.50 6.14 -11.40
N GLU G 6 -25.09 5.50 -12.42
CA GLU G 6 -25.59 6.21 -13.59
C GLU G 6 -27.02 6.67 -13.37
N THR G 7 -27.30 7.91 -13.79
CA THR G 7 -28.66 8.43 -13.79
C THR G 7 -28.91 9.22 -15.06
N GLY G 8 -30.19 9.50 -15.26
CA GLY G 8 -30.63 10.42 -16.28
C GLY G 8 -31.33 9.77 -17.46
N GLY G 9 -31.26 8.45 -17.60
CA GLY G 9 -31.85 7.79 -18.75
C GLY G 9 -33.37 7.82 -18.76
N GLY G 10 -33.93 7.29 -19.84
CA GLY G 10 -35.37 7.25 -19.97
C GLY G 10 -35.76 7.32 -21.43
N LEU G 11 -36.93 7.91 -21.67
CA LEU G 11 -37.54 7.99 -22.99
C LEU G 11 -37.20 9.34 -23.62
N VAL G 12 -36.71 9.32 -24.87
CA VAL G 12 -36.45 10.50 -25.69
C VAL G 12 -37.09 10.28 -27.05
N GLN G 13 -37.54 11.38 -27.65
CA GLN G 13 -37.97 11.40 -29.04
C GLN G 13 -36.77 11.73 -29.91
N ALA G 14 -36.73 11.11 -31.09
CA ALA G 14 -35.57 11.19 -31.98
C ALA G 14 -35.37 12.64 -32.43
N GLY G 15 -34.11 13.04 -32.58
CA GLY G 15 -33.79 14.42 -32.72
C GLY G 15 -33.64 15.18 -31.42
N GLY G 16 -34.02 14.57 -30.29
CA GLY G 16 -33.97 15.22 -29.01
C GLY G 16 -32.65 15.08 -28.28
N SER G 17 -32.62 15.63 -27.06
CA SER G 17 -31.42 15.64 -26.25
C SER G 17 -31.65 14.95 -24.91
N LEU G 18 -30.56 14.55 -24.28
CA LEU G 18 -30.57 13.84 -22.99
C LEU G 18 -29.20 14.02 -22.34
N ARG G 19 -29.19 14.29 -21.03
CA ARG G 19 -27.98 14.35 -20.24
C ARG G 19 -27.94 13.20 -19.22
N LEU G 20 -26.92 12.36 -19.30
CA LEU G 20 -26.68 11.34 -18.29
C LEU G 20 -25.64 11.82 -17.28
N SER G 21 -25.74 11.32 -16.06
CA SER G 21 -24.76 11.62 -15.03
C SER G 21 -24.18 10.33 -14.47
N CYS G 22 -22.90 10.38 -14.10
CA CYS G 22 -22.24 9.28 -13.42
C CYS G 22 -21.64 9.81 -12.12
N ALA G 23 -22.14 9.33 -10.99
CA ALA G 23 -21.68 9.78 -9.68
C ALA G 23 -20.72 8.77 -9.08
N ALA G 24 -19.55 9.23 -8.66
CA ALA G 24 -18.49 8.39 -8.14
C ALA G 24 -18.37 8.55 -6.62
N SER G 25 -18.00 7.45 -5.95
CA SER G 25 -17.83 7.49 -4.51
C SER G 25 -16.85 6.41 -4.07
N GLY G 26 -16.34 6.56 -2.85
CA GLY G 26 -15.40 5.59 -2.30
C GLY G 26 -14.00 6.16 -2.19
N ARG G 27 -13.59 6.84 -3.26
CA ARG G 27 -12.29 7.49 -3.33
C ARG G 27 -12.44 8.64 -4.31
N THR G 28 -11.41 9.48 -4.41
CA THR G 28 -11.53 10.52 -5.43
C THR G 28 -11.13 9.90 -6.77
N PHE G 29 -11.84 10.33 -7.81
CA PHE G 29 -11.64 9.76 -9.12
C PHE G 29 -10.93 10.76 -10.02
N ASN G 30 -10.33 11.79 -9.43
CA ASN G 30 -9.69 12.87 -10.18
C ASN G 30 -8.43 12.43 -10.91
N ASN G 31 -7.91 11.24 -10.64
CA ASN G 31 -6.76 10.73 -11.36
C ASN G 31 -7.11 9.54 -12.23
N ASP G 32 -8.39 9.34 -12.52
CA ASP G 32 -8.85 8.21 -13.31
C ASP G 32 -9.33 8.70 -14.68
N VAL G 33 -9.26 7.83 -15.68
CA VAL G 33 -10.04 8.01 -16.90
C VAL G 33 -11.48 7.60 -16.64
N MET G 34 -12.43 8.42 -17.06
CA MET G 34 -13.86 8.07 -17.03
C MET G 34 -14.35 7.82 -18.45
N ALA G 35 -15.12 6.75 -18.62
CA ALA G 35 -15.63 6.39 -19.93
C ALA G 35 -17.11 6.02 -19.85
N TRP G 36 -17.80 6.29 -20.94
CA TRP G 36 -19.16 5.84 -21.16
C TRP G 36 -19.12 4.72 -22.19
N PHE G 37 -19.78 3.62 -21.87
CA PHE G 37 -19.97 2.51 -22.77
C PHE G 37 -21.47 2.29 -22.89
N ARG G 38 -21.88 1.59 -23.93
CA ARG G 38 -23.30 1.35 -24.11
C ARG G 38 -23.54 -0.05 -24.65
N GLN G 39 -24.67 -0.63 -24.28
CA GLN G 39 -25.07 -1.95 -24.77
C GLN G 39 -26.52 -1.95 -25.20
N ALA G 40 -26.74 -2.06 -26.50
CA ALA G 40 -28.05 -2.27 -27.06
C ALA G 40 -28.36 -3.76 -26.99
N PRO G 41 -29.64 -4.14 -26.95
CA PRO G 41 -29.96 -5.58 -27.00
C PRO G 41 -29.54 -6.20 -28.33
N GLY G 42 -28.90 -7.37 -28.23
CA GLY G 42 -28.50 -8.16 -29.36
C GLY G 42 -27.06 -7.98 -29.81
N THR G 43 -26.47 -6.79 -29.64
CA THR G 43 -25.05 -6.60 -29.93
C THR G 43 -24.28 -6.32 -28.64
N GLU G 44 -22.99 -6.03 -28.78
CA GLU G 44 -22.09 -5.95 -27.64
C GLU G 44 -21.77 -4.53 -27.23
N ARG G 45 -21.17 -4.47 -26.04
CA ARG G 45 -20.73 -3.29 -25.33
C ARG G 45 -19.76 -2.51 -26.19
N GLU G 46 -20.25 -1.41 -26.76
CA GLU G 46 -19.42 -0.55 -27.61
C GLU G 46 -19.00 0.69 -26.85
N PHE G 47 -17.77 1.13 -27.13
CA PHE G 47 -17.26 2.36 -26.55
C PHE G 47 -18.00 3.58 -27.12
N VAL G 48 -18.33 4.52 -26.23
CA VAL G 48 -19.00 5.76 -26.63
C VAL G 48 -18.05 6.95 -26.53
N ALA G 49 -17.56 7.26 -25.35
CA ALA G 49 -16.75 8.44 -25.13
C ALA G 49 -15.95 8.23 -23.86
N LEU G 50 -14.85 8.97 -23.75
CA LEU G 50 -14.00 8.91 -22.58
C LEU G 50 -13.47 10.30 -22.32
N ILE G 51 -13.13 10.56 -21.06
CA ILE G 51 -12.55 11.84 -20.70
C ILE G 51 -11.37 11.61 -19.75
N THR G 52 -10.24 12.25 -20.06
CA THR G 52 -9.06 12.08 -19.22
C THR G 52 -9.25 12.88 -17.93
N ALA G 53 -8.30 12.68 -17.02
CA ALA G 53 -8.31 13.30 -15.69
C ALA G 53 -8.45 14.82 -15.77
N GLY G 54 -7.78 15.45 -16.73
CA GLY G 54 -7.75 16.87 -16.93
C GLY G 54 -8.78 17.40 -17.89
N GLY G 55 -9.67 16.57 -18.39
CA GLY G 55 -10.76 17.02 -19.24
C GLY G 55 -10.61 16.76 -20.72
N GLY G 56 -9.63 15.97 -21.15
CA GLY G 56 -9.45 15.70 -22.57
C GLY G 56 -10.47 14.70 -23.05
N THR G 57 -11.19 15.04 -24.12
CA THR G 57 -12.34 14.26 -24.54
C THR G 57 -12.00 13.49 -25.81
N HIS G 58 -12.45 12.24 -25.87
CA HIS G 58 -12.23 11.38 -27.02
C HIS G 58 -13.51 10.61 -27.28
N TYR G 59 -13.92 10.53 -28.55
CA TYR G 59 -15.25 10.10 -28.91
C TYR G 59 -15.20 8.98 -29.93
N ALA G 60 -16.19 8.09 -29.84
CA ALA G 60 -16.39 7.14 -30.92
C ALA G 60 -16.83 7.89 -32.18
N ASP G 61 -16.59 7.27 -33.33
CA ASP G 61 -16.97 7.85 -34.61
C ASP G 61 -18.48 7.97 -34.76
N SER G 62 -19.21 7.04 -34.13
CA SER G 62 -20.67 7.06 -34.23
C SER G 62 -21.31 8.22 -33.46
N VAL G 63 -20.61 8.85 -32.52
CA VAL G 63 -21.21 9.91 -31.72
C VAL G 63 -20.53 11.26 -31.91
N LYS G 64 -19.44 11.33 -32.69
CA LYS G 64 -18.73 12.58 -33.00
C LYS G 64 -19.66 13.61 -33.61
N GLY G 65 -19.67 14.81 -33.05
CA GLY G 65 -20.54 15.84 -33.53
C GLY G 65 -21.88 15.88 -32.83
N ARG G 66 -22.19 14.86 -32.04
CA ARG G 66 -23.45 14.77 -31.32
C ARG G 66 -23.31 14.72 -29.80
N PHE G 67 -22.34 13.98 -29.26
CA PHE G 67 -22.25 13.78 -27.82
C PHE G 67 -21.14 14.62 -27.22
N VAL G 68 -21.33 15.07 -25.97
CA VAL G 68 -20.32 15.81 -25.24
C VAL G 68 -20.11 15.11 -23.90
N ILE G 69 -18.89 14.69 -23.64
CA ILE G 69 -18.54 14.11 -22.34
C ILE G 69 -17.85 15.19 -21.53
N SER G 70 -18.20 15.26 -20.24
CA SER G 70 -17.65 16.26 -19.34
C SER G 70 -17.45 15.63 -17.97
N ARG G 71 -16.71 16.34 -17.10
CA ARG G 71 -16.53 15.91 -15.73
C ARG G 71 -16.28 17.10 -14.81
N ASP G 72 -16.46 16.84 -13.51
CA ASP G 72 -16.34 17.84 -12.45
C ASP G 72 -15.53 17.21 -11.33
N ASN G 73 -14.23 17.54 -11.30
CA ASN G 73 -13.30 16.95 -10.34
C ASN G 73 -13.59 17.36 -8.90
N ASP G 74 -14.28 18.48 -8.69
CA ASP G 74 -14.60 18.90 -7.34
C ASP G 74 -15.78 18.15 -6.78
N LYS G 75 -16.65 17.60 -7.63
CA LYS G 75 -17.87 16.94 -7.18
C LYS G 75 -17.88 15.43 -7.45
N ASN G 76 -16.82 14.86 -8.03
CA ASN G 76 -16.69 13.42 -8.35
C ASN G 76 -17.76 12.96 -9.34
N MET G 77 -17.99 13.78 -10.37
CA MET G 77 -19.08 13.55 -11.32
C MET G 77 -18.56 13.51 -12.75
N ALA G 78 -19.15 12.64 -13.56
CA ALA G 78 -18.94 12.63 -15.00
C ALA G 78 -20.29 12.62 -15.70
N TYR G 79 -20.35 13.21 -16.90
CA TYR G 79 -21.62 13.42 -17.59
C TYR G 79 -21.51 13.05 -19.06
N LEU G 80 -22.64 12.67 -19.65
CA LEU G 80 -22.74 12.45 -21.09
C LEU G 80 -23.94 13.25 -21.60
N GLN G 81 -23.66 14.38 -22.25
CA GLN G 81 -24.70 15.22 -22.86
C GLN G 81 -24.91 14.77 -24.30
N MET G 82 -26.06 14.16 -24.57
CA MET G 82 -26.38 13.55 -25.87
C MET G 82 -27.31 14.44 -26.68
N ASN G 83 -26.97 14.70 -27.94
CA ASN G 83 -27.81 15.49 -28.85
C ASN G 83 -28.05 14.72 -30.14
N SER G 84 -29.04 15.20 -30.90
CA SER G 84 -29.54 14.58 -32.14
C SER G 84 -29.70 13.07 -32.01
N LEU G 85 -30.54 12.68 -31.06
CA LEU G 85 -30.63 11.28 -30.71
C LEU G 85 -31.35 10.51 -31.79
N LYS G 86 -30.90 9.27 -32.01
CA LYS G 86 -31.41 8.40 -33.04
C LYS G 86 -31.76 7.08 -32.38
N SER G 87 -32.53 6.25 -33.09
CA SER G 87 -32.94 4.96 -32.51
C SER G 87 -31.76 4.01 -32.31
N GLU G 88 -30.66 4.18 -33.07
CA GLU G 88 -29.46 3.40 -32.81
C GLU G 88 -28.81 3.74 -31.48
N ASP G 89 -29.13 4.87 -30.86
CA ASP G 89 -28.56 5.20 -29.57
C ASP G 89 -29.33 4.57 -28.41
N THR G 90 -30.37 3.80 -28.70
CA THR G 90 -31.10 3.06 -27.67
C THR G 90 -30.19 1.96 -27.12
N ALA G 91 -29.95 2.01 -25.82
CA ALA G 91 -29.00 1.12 -25.15
C ALA G 91 -29.12 1.32 -23.64
N ILE G 92 -28.53 0.39 -22.89
CA ILE G 92 -28.17 0.66 -21.52
C ILE G 92 -26.81 1.34 -21.51
N TYR G 93 -26.71 2.47 -20.82
CA TYR G 93 -25.48 3.23 -20.81
C TYR G 93 -24.72 3.01 -19.51
N TYR G 94 -23.43 2.69 -19.64
CA TYR G 94 -22.60 2.30 -18.52
C TYR G 94 -21.43 3.28 -18.35
N CYS G 95 -21.21 3.69 -17.12
CA CYS G 95 -20.08 4.53 -16.77
C CYS G 95 -18.96 3.69 -16.17
N GLY G 96 -17.72 3.91 -16.61
CA GLY G 96 -16.61 3.11 -16.14
C GLY G 96 -15.39 3.95 -15.85
N ALA G 97 -14.54 3.42 -14.96
CA ALA G 97 -13.34 4.14 -14.52
C ALA G 97 -12.09 3.26 -14.63
N ASP G 98 -10.99 3.88 -15.12
CA ASP G 98 -9.68 3.24 -15.24
C ASP G 98 -8.71 3.96 -14.31
N GLU G 99 -8.26 3.30 -13.26
CA GLU G 99 -7.24 3.92 -12.43
C GLU G 99 -5.84 3.69 -12.95
N ASN G 100 -5.61 2.73 -13.84
CA ASN G 100 -4.25 2.41 -14.27
C ASN G 100 -4.06 2.40 -15.79
N PRO G 101 -4.28 3.53 -16.47
CA PRO G 101 -4.20 3.54 -17.94
C PRO G 101 -2.77 3.55 -18.42
N PRO G 102 -2.54 3.23 -19.70
CA PRO G 102 -1.23 3.56 -20.30
C PRO G 102 -1.17 5.03 -20.69
N GLY G 103 -0.17 5.44 -21.48
CA GLY G 103 0.00 6.84 -21.83
C GLY G 103 -1.04 7.37 -22.80
N TRP G 104 -1.83 6.50 -23.41
CA TRP G 104 -2.98 6.91 -24.18
C TRP G 104 -4.19 6.15 -23.65
N PRO G 105 -5.32 6.82 -23.44
CA PRO G 105 -6.49 6.15 -22.82
C PRO G 105 -7.12 5.11 -23.75
N SER G 106 -7.52 4.00 -23.14
CA SER G 106 -7.99 2.82 -23.86
C SER G 106 -9.48 2.90 -24.14
N ARG G 107 -9.88 2.36 -25.31
CA ARG G 107 -11.28 2.18 -25.68
C ARG G 107 -11.80 0.77 -25.43
N TRP G 108 -11.00 -0.10 -24.83
CA TRP G 108 -11.42 -1.46 -24.54
C TRP G 108 -12.17 -1.48 -23.20
N SER G 109 -13.28 -2.22 -23.18
CA SER G 109 -14.07 -2.31 -21.95
C SER G 109 -13.32 -3.01 -20.82
N SER G 110 -12.40 -3.93 -21.14
CA SER G 110 -11.57 -4.61 -20.15
C SER G 110 -10.62 -3.67 -19.42
N ALA G 111 -10.39 -2.47 -19.92
CA ALA G 111 -9.54 -1.51 -19.23
C ALA G 111 -10.24 -0.82 -18.06
N TYR G 112 -11.55 -0.96 -17.90
CA TYR G 112 -12.31 -0.14 -16.95
C TYR G 112 -12.69 -0.98 -15.74
N ASP G 113 -12.08 -0.65 -14.61
CA ASP G 113 -11.99 -1.51 -13.43
C ASP G 113 -13.22 -1.46 -12.53
N TYR G 114 -14.04 -0.42 -12.64
CA TYR G 114 -15.29 -0.31 -11.91
C TYR G 114 -16.39 0.06 -12.90
N TRP G 115 -17.61 -0.43 -12.61
CA TRP G 115 -18.78 -0.08 -13.39
C TRP G 115 -19.94 0.18 -12.45
N GLY G 116 -20.98 0.80 -12.98
CA GLY G 116 -22.22 1.01 -12.27
C GLY G 116 -23.33 0.20 -12.86
N GLN G 117 -24.45 0.17 -12.13
CA GLN G 117 -25.71 -0.29 -12.69
C GLN G 117 -26.11 0.70 -13.77
N GLY G 118 -26.16 0.25 -15.02
CA GLY G 118 -26.42 1.13 -16.15
C GLY G 118 -27.79 1.78 -16.11
N THR G 119 -27.92 2.83 -16.92
CA THR G 119 -29.17 3.57 -17.04
C THR G 119 -29.71 3.37 -18.46
N GLN G 120 -31.01 3.20 -18.57
CA GLN G 120 -31.61 2.85 -19.86
C GLN G 120 -32.05 4.08 -20.62
N VAL G 121 -31.57 4.20 -21.86
CA VAL G 121 -31.96 5.26 -22.79
C VAL G 121 -32.77 4.59 -23.88
N THR G 122 -33.97 5.11 -24.15
CA THR G 122 -34.82 4.56 -25.18
C THR G 122 -35.23 5.70 -26.09
N VAL G 123 -34.94 5.58 -27.38
CA VAL G 123 -35.16 6.64 -28.34
C VAL G 123 -36.25 6.21 -29.31
N SER G 124 -37.48 6.68 -29.05
CA SER G 124 -38.59 6.78 -30.03
C SER G 124 -38.93 5.55 -30.86
N VAL H 2 -13.30 -8.64 -11.04
CA VAL H 2 -13.79 -9.60 -10.05
C VAL H 2 -15.18 -10.18 -10.40
N GLN H 3 -15.28 -11.50 -10.46
CA GLN H 3 -16.49 -12.19 -10.89
C GLN H 3 -16.80 -13.37 -9.98
N LEU H 4 -18.06 -13.50 -9.58
CA LEU H 4 -18.57 -14.73 -8.99
C LEU H 4 -19.61 -15.26 -9.96
N VAL H 5 -19.59 -16.56 -10.22
CA VAL H 5 -20.53 -17.20 -11.15
C VAL H 5 -21.13 -18.45 -10.51
N GLU H 6 -22.45 -18.44 -10.33
CA GLU H 6 -23.19 -19.57 -9.81
C GLU H 6 -23.60 -20.50 -10.93
N THR H 7 -23.49 -21.82 -10.68
CA THR H 7 -24.02 -22.85 -11.59
C THR H 7 -24.63 -23.97 -10.77
N GLY H 8 -25.39 -24.81 -11.46
CA GLY H 8 -25.93 -26.03 -10.89
C GLY H 8 -27.43 -26.04 -10.66
N GLY H 9 -28.14 -24.92 -10.83
CA GLY H 9 -29.58 -24.88 -10.57
C GLY H 9 -30.40 -25.64 -11.61
N GLY H 10 -31.69 -25.67 -11.37
CA GLY H 10 -32.61 -26.32 -12.31
C GLY H 10 -33.83 -26.90 -11.60
N LEU H 11 -34.37 -27.95 -12.20
CA LEU H 11 -35.60 -28.60 -11.74
C LEU H 11 -35.29 -29.87 -10.96
N VAL H 12 -35.82 -29.97 -9.74
CA VAL H 12 -35.92 -31.21 -8.97
C VAL H 12 -37.28 -31.18 -8.30
N GLN H 13 -37.83 -32.34 -7.97
CA GLN H 13 -38.96 -32.26 -7.05
C GLN H 13 -38.56 -32.66 -5.64
N ALA H 14 -39.54 -32.50 -4.74
CA ALA H 14 -39.29 -32.50 -3.30
C ALA H 14 -38.72 -33.82 -2.78
N GLY H 15 -37.83 -33.71 -1.80
CA GLY H 15 -37.02 -34.84 -1.38
C GLY H 15 -35.77 -35.04 -2.20
N GLY H 16 -35.61 -34.33 -3.32
CA GLY H 16 -34.46 -34.50 -4.17
C GLY H 16 -33.29 -33.66 -3.71
N SER H 17 -32.17 -33.83 -4.40
CA SER H 17 -30.93 -33.17 -4.05
CA SER H 17 -30.94 -33.15 -4.04
C SER H 17 -30.44 -32.32 -5.22
N LEU H 18 -29.57 -31.35 -4.89
CA LEU H 18 -28.97 -30.44 -5.85
C LEU H 18 -27.69 -29.87 -5.26
N ARG H 19 -26.63 -29.80 -6.07
CA ARG H 19 -25.40 -29.12 -5.66
C ARG H 19 -25.21 -27.86 -6.53
N LEU H 20 -25.09 -26.70 -5.87
CA LEU H 20 -24.73 -25.47 -6.56
C LEU H 20 -23.24 -25.19 -6.40
N SER H 21 -22.67 -24.55 -7.41
CA SER H 21 -21.25 -24.20 -7.37
C SER H 21 -21.10 -22.71 -7.60
N CYS H 22 -20.11 -22.12 -6.94
CA CYS H 22 -19.76 -20.72 -7.11
C CYS H 22 -18.30 -20.62 -7.53
N ALA H 23 -18.06 -20.13 -8.76
CA ALA H 23 -16.71 -20.01 -9.27
C ALA H 23 -16.26 -18.54 -9.13
N ALA H 24 -15.09 -18.33 -8.52
CA ALA H 24 -14.55 -17.00 -8.29
C ALA H 24 -13.37 -16.71 -9.20
N SER H 25 -13.25 -15.43 -9.59
CA SER H 25 -12.16 -14.96 -10.43
C SER H 25 -11.96 -13.46 -10.18
N GLY H 26 -10.78 -12.94 -10.53
CA GLY H 26 -10.49 -11.55 -10.27
C GLY H 26 -9.40 -11.33 -9.23
N ARG H 27 -9.50 -12.06 -8.11
CA ARG H 27 -8.53 -12.04 -7.01
C ARG H 27 -8.70 -13.36 -6.25
N THR H 28 -7.82 -13.61 -5.28
CA THR H 28 -7.99 -14.81 -4.46
C THR H 28 -8.96 -14.58 -3.30
N PHE H 29 -9.72 -15.62 -2.97
CA PHE H 29 -10.76 -15.52 -1.96
C PHE H 29 -10.49 -16.38 -0.73
N ASN H 30 -9.24 -16.84 -0.53
CA ASN H 30 -8.93 -17.75 0.57
C ASN H 30 -9.00 -17.10 1.96
N ASN H 31 -9.12 -15.77 2.06
CA ASN H 31 -9.30 -15.09 3.34
C ASN H 31 -10.64 -14.42 3.45
N ASP H 32 -11.60 -14.75 2.58
CA ASP H 32 -12.92 -14.13 2.58
C ASP H 32 -13.95 -15.10 3.12
N VAL H 33 -15.00 -14.55 3.74
CA VAL H 33 -16.22 -15.31 4.00
C VAL H 33 -16.99 -15.48 2.71
N MET H 34 -17.42 -16.71 2.41
CA MET H 34 -18.28 -16.99 1.27
C MET H 34 -19.68 -17.31 1.77
N ALA H 35 -20.69 -16.73 1.12
CA ALA H 35 -22.04 -16.93 1.59
C ALA H 35 -22.97 -17.21 0.43
N TRP H 36 -24.01 -17.97 0.74
CA TRP H 36 -25.11 -18.22 -0.18
C TRP H 36 -26.33 -17.48 0.34
N PHE H 37 -26.98 -16.74 -0.54
CA PHE H 37 -28.26 -16.13 -0.23
C PHE H 37 -29.25 -16.61 -1.28
N ARG H 38 -30.52 -16.44 -0.98
CA ARG H 38 -31.56 -16.82 -1.92
C ARG H 38 -32.66 -15.76 -1.89
N GLN H 39 -33.31 -15.59 -3.04
CA GLN H 39 -34.41 -14.63 -3.20
C GLN H 39 -35.54 -15.41 -3.87
N ALA H 40 -36.57 -15.74 -3.08
CA ALA H 40 -37.75 -16.38 -3.61
C ALA H 40 -38.72 -15.32 -4.14
N PRO H 41 -39.56 -15.65 -5.12
CA PRO H 41 -40.57 -14.70 -5.58
C PRO H 41 -41.64 -14.46 -4.51
N GLY H 42 -41.92 -13.19 -4.21
CA GLY H 42 -42.95 -12.83 -3.25
C GLY H 42 -42.42 -12.64 -1.84
N THR H 43 -41.29 -13.25 -1.53
CA THR H 43 -40.56 -13.21 -0.30
C THR H 43 -39.36 -12.28 -0.54
N GLU H 44 -38.59 -12.05 0.52
CA GLU H 44 -37.43 -11.12 0.54
C GLU H 44 -36.13 -11.91 0.65
N ARG H 45 -35.07 -11.35 0.09
CA ARG H 45 -33.69 -11.91 0.09
C ARG H 45 -33.38 -12.50 1.47
N GLU H 46 -33.02 -13.77 1.50
CA GLU H 46 -32.80 -14.47 2.77
C GLU H 46 -31.40 -15.07 2.82
N PHE H 47 -30.75 -14.99 3.98
CA PHE H 47 -29.45 -15.62 4.18
C PHE H 47 -29.68 -17.14 4.21
N VAL H 48 -28.80 -17.89 3.56
CA VAL H 48 -28.92 -19.37 3.54
C VAL H 48 -27.76 -20.02 4.28
N ALA H 49 -26.51 -19.68 3.92
CA ALA H 49 -25.39 -20.34 4.56
C ALA H 49 -24.14 -19.51 4.32
N LEU H 50 -23.16 -19.74 5.18
CA LEU H 50 -21.91 -19.02 5.20
C LEU H 50 -20.77 -19.99 5.51
N ILE H 51 -19.59 -19.73 4.95
CA ILE H 51 -18.42 -20.54 5.32
C ILE H 51 -17.22 -19.62 5.51
N THR H 52 -16.54 -19.77 6.65
CA THR H 52 -15.39 -18.92 6.91
C THR H 52 -14.18 -19.42 6.12
N ALA H 53 -13.10 -18.62 6.17
CA ALA H 53 -11.85 -18.93 5.46
C ALA H 53 -11.31 -20.31 5.84
N GLY H 54 -11.44 -20.68 7.11
CA GLY H 54 -10.95 -21.96 7.57
C GLY H 54 -11.98 -23.07 7.53
N GLY H 55 -13.16 -22.83 6.98
CA GLY H 55 -14.12 -23.91 6.84
C GLY H 55 -15.24 -23.95 7.87
N GLY H 56 -15.38 -22.91 8.70
CA GLY H 56 -16.45 -22.87 9.68
C GLY H 56 -17.79 -22.53 9.08
N THR H 57 -18.78 -23.39 9.26
CA THR H 57 -20.05 -23.27 8.55
C THR H 57 -21.18 -22.85 9.48
N HIS H 58 -22.02 -21.94 8.98
CA HIS H 58 -23.12 -21.36 9.70
C HIS H 58 -24.33 -21.28 8.77
N TYR H 59 -25.50 -21.65 9.27
CA TYR H 59 -26.67 -21.91 8.43
C TYR H 59 -27.90 -21.18 8.98
N ALA H 60 -28.78 -20.79 8.06
CA ALA H 60 -30.11 -20.34 8.47
C ALA H 60 -30.88 -21.50 9.11
N ASP H 61 -31.84 -21.14 9.97
CA ASP H 61 -32.65 -22.13 10.69
C ASP H 61 -33.48 -22.98 9.73
N SER H 62 -33.98 -22.39 8.64
CA SER H 62 -34.83 -23.14 7.72
C SER H 62 -34.03 -24.17 6.92
N VAL H 63 -32.71 -24.02 6.82
CA VAL H 63 -31.90 -24.96 6.06
C VAL H 63 -30.94 -25.77 6.92
N LYS H 64 -30.84 -25.47 8.25
CA LYS H 64 -29.92 -26.14 9.19
C LYS H 64 -30.11 -27.64 9.15
N GLY H 65 -29.05 -28.35 8.78
CA GLY H 65 -29.09 -29.78 8.73
C GLY H 65 -29.47 -30.37 7.41
N ARG H 66 -30.01 -29.58 6.49
CA ARG H 66 -30.39 -30.09 5.17
C ARG H 66 -29.43 -29.66 4.09
N PHE H 67 -28.85 -28.47 4.25
CA PHE H 67 -27.91 -27.92 3.28
C PHE H 67 -26.51 -28.08 3.87
N VAL H 68 -25.52 -28.23 2.99
CA VAL H 68 -24.11 -28.31 3.38
C VAL H 68 -23.32 -27.31 2.54
N ILE H 69 -22.66 -26.36 3.19
CA ILE H 69 -21.79 -25.42 2.48
C ILE H 69 -20.34 -25.87 2.63
N SER H 70 -19.59 -25.81 1.54
CA SER H 70 -18.18 -26.21 1.52
C SER H 70 -17.41 -25.25 0.64
N ARG H 71 -16.08 -25.33 0.70
CA ARG H 71 -15.22 -24.50 -0.14
C ARG H 71 -13.88 -25.19 -0.42
N ASP H 72 -13.21 -24.69 -1.46
CA ASP H 72 -11.92 -25.20 -1.93
C ASP H 72 -11.08 -23.94 -2.13
N ASN H 73 -10.23 -23.62 -1.12
CA ASN H 73 -9.52 -22.34 -1.12
C ASN H 73 -8.49 -22.23 -2.25
N ASP H 74 -7.97 -23.37 -2.73
CA ASP H 74 -6.97 -23.37 -3.79
C ASP H 74 -7.57 -23.22 -5.18
N LYS H 75 -8.84 -23.53 -5.37
CA LYS H 75 -9.46 -23.48 -6.69
C LYS H 75 -10.44 -22.32 -6.84
N ASN H 76 -10.55 -21.47 -5.80
CA ASN H 76 -11.43 -20.30 -5.76
C ASN H 76 -12.88 -20.69 -5.94
N MET H 77 -13.28 -21.78 -5.26
CA MET H 77 -14.63 -22.31 -5.43
C MET H 77 -15.32 -22.59 -4.10
N ALA H 78 -16.62 -22.29 -4.06
CA ALA H 78 -17.51 -22.63 -2.96
C ALA H 78 -18.71 -23.43 -3.48
N TYR H 79 -19.29 -24.25 -2.59
CA TYR H 79 -20.34 -25.17 -2.98
C TYR H 79 -21.48 -25.10 -1.97
N LEU H 80 -22.70 -25.35 -2.45
CA LEU H 80 -23.87 -25.50 -1.58
C LEU H 80 -24.53 -26.79 -2.00
N GLN H 81 -24.39 -27.81 -1.14
CA GLN H 81 -25.05 -29.09 -1.33
C GLN H 81 -26.43 -28.99 -0.70
N MET H 82 -27.47 -28.97 -1.53
CA MET H 82 -28.83 -28.83 -1.02
C MET H 82 -29.49 -30.21 -1.02
N ASN H 83 -29.91 -30.68 0.16
CA ASN H 83 -30.54 -31.98 0.27
C ASN H 83 -31.93 -31.83 0.87
N SER H 84 -32.70 -32.91 0.72
CA SER H 84 -34.11 -33.03 1.11
C SER H 84 -34.89 -31.79 0.73
N LEU H 85 -34.88 -31.51 -0.58
CA LEU H 85 -35.35 -30.22 -1.04
C LEU H 85 -36.86 -30.10 -0.90
N LYS H 86 -37.30 -28.87 -0.62
CA LYS H 86 -38.72 -28.61 -0.43
C LYS H 86 -39.09 -27.48 -1.36
N SER H 87 -40.41 -27.29 -1.49
CA SER H 87 -40.93 -26.23 -2.35
C SER H 87 -40.61 -24.85 -1.77
N GLU H 88 -40.28 -24.79 -0.48
CA GLU H 88 -40.03 -23.54 0.21
C GLU H 88 -38.71 -22.96 -0.28
N ASP H 89 -37.86 -23.83 -0.80
CA ASP H 89 -36.49 -23.59 -1.26
C ASP H 89 -36.40 -23.11 -2.70
N THR H 90 -37.54 -22.92 -3.38
CA THR H 90 -37.54 -22.39 -4.73
C THR H 90 -37.13 -20.91 -4.68
N ALA H 91 -36.04 -20.57 -5.38
CA ALA H 91 -35.47 -19.23 -5.35
C ALA H 91 -34.37 -19.13 -6.39
N ILE H 92 -33.96 -17.89 -6.65
CA ILE H 92 -32.65 -17.64 -7.25
C ILE H 92 -31.61 -17.61 -6.13
N TYR H 93 -30.55 -18.39 -6.29
CA TYR H 93 -29.52 -18.51 -5.26
C TYR H 93 -28.29 -17.70 -5.66
N TYR H 94 -27.80 -16.87 -4.74
CA TYR H 94 -26.72 -15.94 -5.01
C TYR H 94 -25.51 -16.29 -4.16
N CYS H 95 -24.35 -16.30 -4.78
CA CYS H 95 -23.10 -16.48 -4.08
C CYS H 95 -22.43 -15.13 -3.84
N GLY H 96 -21.92 -14.93 -2.62
CA GLY H 96 -21.36 -13.65 -2.24
C GLY H 96 -20.07 -13.83 -1.47
N ALA H 97 -19.21 -12.82 -1.50
CA ALA H 97 -17.95 -12.84 -0.78
C ALA H 97 -17.79 -11.59 0.07
N ASP H 98 -17.31 -11.77 1.32
CA ASP H 98 -17.01 -10.68 2.25
C ASP H 98 -15.51 -10.66 2.42
N GLU H 99 -14.89 -9.62 1.89
CA GLU H 99 -13.45 -9.46 2.00
C GLU H 99 -13.00 -8.79 3.30
N ASN H 100 -13.88 -8.06 3.99
CA ASN H 100 -13.50 -7.31 5.20
C ASN H 100 -14.46 -7.62 6.35
N PRO H 101 -14.50 -8.86 6.83
CA PRO H 101 -15.51 -9.23 7.83
C PRO H 101 -15.14 -8.72 9.21
N PRO H 102 -16.11 -8.60 10.12
CA PRO H 102 -15.76 -8.38 11.54
C PRO H 102 -15.36 -9.68 12.21
N GLY H 103 -15.23 -9.69 13.54
CA GLY H 103 -14.80 -10.92 14.23
C GLY H 103 -15.81 -12.04 14.24
N TRP H 104 -17.05 -11.76 13.87
CA TRP H 104 -18.01 -12.82 13.68
C TRP H 104 -18.56 -12.64 12.26
N PRO H 105 -18.64 -13.70 11.46
CA PRO H 105 -19.11 -13.53 10.09
C PRO H 105 -20.59 -13.16 10.04
N SER H 106 -20.92 -12.24 9.13
CA SER H 106 -22.21 -11.59 9.10
C SER H 106 -23.25 -12.35 8.28
N ARG H 107 -24.50 -12.33 8.75
CA ARG H 107 -25.63 -12.83 7.99
C ARG H 107 -26.33 -11.72 7.20
N TRP H 108 -25.81 -10.50 7.25
CA TRP H 108 -26.44 -9.38 6.54
C TRP H 108 -25.94 -9.36 5.10
N SER H 109 -26.86 -9.19 4.15
CA SER H 109 -26.44 -9.16 2.74
C SER H 109 -25.59 -7.93 2.42
N SER H 110 -25.76 -6.85 3.17
CA SER H 110 -24.95 -5.65 2.97
C SER H 110 -23.47 -5.85 3.30
N ALA H 111 -23.11 -6.90 4.04
CA ALA H 111 -21.71 -7.17 4.34
C ALA H 111 -20.93 -7.75 3.16
N TYR H 112 -21.59 -8.18 2.09
CA TYR H 112 -20.94 -9.00 1.08
C TYR H 112 -20.66 -8.14 -0.16
N ASP H 113 -19.38 -7.94 -0.45
CA ASP H 113 -18.91 -6.91 -1.36
C ASP H 113 -18.98 -7.32 -2.83
N TYR H 114 -19.05 -8.63 -3.12
CA TYR H 114 -19.15 -9.15 -4.48
C TYR H 114 -20.28 -10.15 -4.54
N TRP H 115 -21.01 -10.17 -5.67
CA TRP H 115 -22.13 -11.08 -5.92
C TRP H 115 -22.06 -11.56 -7.36
N GLY H 116 -22.82 -12.62 -7.64
CA GLY H 116 -23.04 -13.05 -9.00
C GLY H 116 -24.50 -12.81 -9.33
N GLN H 117 -24.78 -12.82 -10.61
CA GLN H 117 -26.17 -12.77 -11.05
C GLN H 117 -27.05 -13.99 -10.76
N GLY H 118 -26.53 -15.08 -10.20
CA GLY H 118 -27.41 -16.03 -9.52
C GLY H 118 -27.86 -17.21 -10.38
N THR H 119 -28.24 -18.31 -9.72
CA THR H 119 -28.75 -19.50 -10.37
C THR H 119 -30.14 -19.85 -9.83
N GLN H 120 -31.03 -20.31 -10.71
CA GLN H 120 -32.42 -20.56 -10.34
C GLN H 120 -32.62 -22.02 -9.93
N VAL H 121 -33.16 -22.23 -8.72
CA VAL H 121 -33.55 -23.54 -8.23
C VAL H 121 -35.08 -23.57 -8.20
N THR H 122 -35.67 -24.60 -8.80
CA THR H 122 -37.12 -24.74 -8.89
C THR H 122 -37.55 -26.10 -8.39
N VAL H 123 -38.41 -26.10 -7.35
CA VAL H 123 -38.94 -27.30 -6.71
C VAL H 123 -40.47 -27.27 -6.88
N SER H 124 -40.99 -27.96 -7.90
CA SER H 124 -42.43 -28.32 -8.07
C SER H 124 -43.48 -27.18 -8.02
C1 NAG I . 29.76 28.70 -7.74
C2 NAG I . 28.65 29.74 -7.60
C3 NAG I . 28.89 30.61 -6.36
C4 NAG I . 29.09 29.78 -5.11
C5 NAG I . 30.21 28.75 -5.33
C6 NAG I . 30.38 27.79 -4.16
C7 NAG I . 27.59 30.36 -9.73
C8 NAG I . 27.61 31.31 -10.88
N2 NAG I . 28.52 30.55 -8.78
O3 NAG I . 27.76 31.46 -6.21
O4 NAG I . 29.42 30.61 -4.00
O5 NAG I . 29.91 27.95 -6.48
O6 NAG I . 31.25 26.73 -4.50
O7 NAG I . 26.76 29.44 -9.65
C1 NAG J . 19.87 -15.01 32.32
C2 NAG J . 19.89 -16.37 31.59
C3 NAG J . 21.31 -16.70 31.11
C4 NAG J . 21.89 -15.57 30.26
C5 NAG J . 21.83 -14.24 31.03
C6 NAG J . 22.26 -13.05 30.19
C7 NAG J . 18.07 -17.82 32.43
C8 NAG J . 17.72 -18.92 33.38
N2 NAG J . 19.35 -17.43 32.44
O3 NAG J . 21.27 -17.91 30.36
O4 NAG J . 23.24 -15.84 29.91
O5 NAG J . 20.47 -13.98 31.44
O6 NAG J . 22.71 -11.97 30.99
O7 NAG J . 17.24 -17.29 31.70
#